data_9P6H
#
_entry.id   9P6H
#
_cell.length_a   1.00
_cell.length_b   1.00
_cell.length_c   1.00
_cell.angle_alpha   90.00
_cell.angle_beta   90.00
_cell.angle_gamma   90.00
#
_symmetry.space_group_name_H-M   'P 1'
#
loop_
_entity.id
_entity.type
_entity.pdbx_description
1 polymer 'Gliding motility protein GldN'
2 polymer 'Lipoprotein, putative'
3 branched '2-acetamido-2-deoxy-beta-D-galactopyranose-(1-3)-2-acetamido-2-deoxy-beta-D-galactopyranose-(1-4)-beta-L-fucopyranose-(1-4)-beta-D-glucopyranose-(1-4)-alpha-D-glucopyranuronic acid-(1-2)-[alpha-L-rhamnopyranose-(1-4)]alpha-D-mannopyranose'
4 branched 'beta-D-glucopyranose-(1-4)-alpha-D-glucopyranuronic acid-(1-2)-[alpha-L-rhamnopyranose-(1-4)]alpha-D-mannopyranose'
5 non-polymer beta-D-mannopyranose
6 non-polymer 'CALCIUM ION'
#
loop_
_entity_poly.entity_id
_entity_poly.type
_entity_poly.pdbx_seq_one_letter_code
_entity_poly.pdbx_strand_id
1 'polypeptide(L)'
;LSNRAQEFNRRLTQKTDNAPWRRVVYRRVDLMEESNAVLYYPPRPIGDRKNLFSTIFGLINSNSLDVYEYLDGFEAFTDQ
YKIKFQEFLDRFGIYYQPSTNKNAELFKVADSDIPSAEVKAYYVKEEWYFTPTNSDVDIKIQAICPIMTGQDEFGEVRNQ
PLFWIPYENIRPYIARERVMLSSLNNTRNSTIDDFFRLNLYKGDIVKTENLHNRALAEYCPTPDSMKMESKRIDKELQGF
RDGLFVTQDTTWMK
;
A
2 'polypeptide(L)'
;ELTGAKLSSWNEPSPFGMIQVPRGSIVLGNKEADSLWGIPAESRPISVDAFWMDRTEITNAQYRQFVYYVRDSIIRERLA
DPAYGGNEEYKITENKFGEPVTPHLDWSKPIPSEKRATEEEIAAINSVYYTNPVTHDRKLNPDQMVYRYEVYDYRSAALR
EHQLKAAKRNLNTDIKVDPNAVVMISKDTAFVDESGNIISETITRPLSSEYDFLNTYIVPIYPDETCWVNDFPNARTEIY
TRMYFNHPGYDDYPVVGISWEQAQAFCAWRSEFFRKGIRLPEGQIMDDFRLPTEAEWEYAARMGDSNNKYPWSTEDLRTG
RGCFLGNFKPGEGDYTADGHLIPSRVSSFSPNDFGLYDMAGNVAEWTSTAFSESGLKQMSDINPELEYKAALTDPYILKQ
KVVRGGSWKDVARFIRSATRSHEYQNVGRSYIGFRCVRTSIAFSSGK
;
B
#
loop_
_chem_comp.id
_chem_comp.type
_chem_comp.name
_chem_comp.formula
BGC D-saccharide, beta linking beta-D-glucopyranose 'C6 H12 O6'
BMA D-saccharide, beta linking beta-D-mannopyranose 'C6 H12 O6'
CA non-polymer 'CALCIUM ION' 'Ca 2'
FUL L-saccharide, beta linking beta-L-fucopyranose 'C6 H12 O5'
GCU D-saccharide, alpha linking 'alpha-D-glucopyranuronic acid' 'C6 H10 O7'
MAN D-saccharide, alpha linking alpha-D-mannopyranose 'C6 H12 O6'
NGA D-saccharide, beta linking 2-acetamido-2-deoxy-beta-D-galactopyranose 'C8 H15 N O6'
RAM L-saccharide, alpha linking alpha-L-rhamnopyranose 'C6 H12 O5'
#
# COMPACT_ATOMS: atom_id res chain seq x y z
N LEU A 1 -9.17 -14.06 8.90
CA LEU A 1 -8.83 -13.20 7.77
C LEU A 1 -9.98 -13.13 6.76
N SER A 2 -10.27 -11.93 6.28
CA SER A 2 -11.27 -11.76 5.23
C SER A 2 -10.72 -12.28 3.90
N ASN A 3 -11.64 -12.60 2.99
CA ASN A 3 -11.24 -13.15 1.70
C ASN A 3 -10.37 -12.16 0.93
N ARG A 4 -10.65 -10.86 1.07
CA ARG A 4 -9.80 -9.84 0.46
C ARG A 4 -8.37 -9.94 0.98
N ALA A 5 -8.23 -10.09 2.30
CA ALA A 5 -6.91 -10.23 2.90
C ALA A 5 -6.22 -11.50 2.41
N GLN A 6 -6.97 -12.59 2.30
CA GLN A 6 -6.39 -13.85 1.83
C GLN A 6 -5.89 -13.72 0.40
N GLU A 7 -6.67 -13.07 -0.46
CA GLU A 7 -6.24 -12.86 -1.84
C GLU A 7 -5.01 -11.96 -1.90
N PHE A 8 -4.97 -10.94 -1.04
CA PHE A 8 -3.80 -10.07 -0.98
C PHE A 8 -2.55 -10.84 -0.58
N ASN A 9 -2.67 -11.67 0.47
CA ASN A 9 -1.52 -12.46 0.90
C ASN A 9 -1.09 -13.46 -0.17
N ARG A 10 -2.06 -14.06 -0.87
CA ARG A 10 -1.72 -14.96 -1.97
C ARG A 10 -0.97 -14.24 -3.08
N ARG A 11 -1.36 -12.99 -3.38
CA ARG A 11 -0.57 -12.20 -4.31
C ARG A 11 0.82 -11.92 -3.77
N LEU A 12 0.94 -11.71 -2.47
CA LEU A 12 2.24 -11.40 -1.85
C LEU A 12 2.98 -12.67 -1.44
N THR A 13 3.15 -13.59 -2.39
CA THR A 13 3.90 -14.83 -2.16
C THR A 13 4.96 -14.92 -3.25
N GLN A 14 6.19 -15.23 -2.85
CA GLN A 14 7.28 -15.39 -3.81
C GLN A 14 7.27 -16.79 -4.40
N LYS A 15 7.14 -16.87 -5.72
CA LYS A 15 7.09 -18.13 -6.44
C LYS A 15 8.46 -18.40 -7.04
N THR A 16 9.25 -19.23 -6.36
CA THR A 16 10.56 -19.66 -6.85
C THR A 16 10.47 -20.97 -7.60
N ASP A 17 9.58 -21.04 -8.59
CA ASP A 17 9.35 -22.30 -9.30
C ASP A 17 10.28 -22.47 -10.49
N ASN A 18 10.23 -21.54 -11.45
CA ASN A 18 11.04 -21.60 -12.66
C ASN A 18 12.19 -20.61 -12.63
N ALA A 19 12.74 -20.35 -11.47
CA ALA A 19 13.85 -19.41 -11.36
C ALA A 19 15.08 -19.97 -12.05
N PRO A 20 15.66 -19.24 -13.02
CA PRO A 20 16.87 -19.74 -13.66
C PRO A 20 18.07 -19.79 -12.74
N TRP A 21 18.04 -19.08 -11.61
CA TRP A 21 19.16 -19.06 -10.68
C TRP A 21 18.62 -19.09 -9.26
N ARG A 22 19.13 -20.03 -8.45
CA ARG A 22 18.81 -20.11 -7.04
C ARG A 22 20.09 -20.28 -6.25
N ARG A 23 20.04 -19.86 -4.98
CA ARG A 23 21.20 -19.97 -4.10
C ARG A 23 20.67 -20.05 -2.67
N VAL A 24 20.81 -21.21 -2.05
CA VAL A 24 20.34 -21.41 -0.68
C VAL A 24 21.53 -21.25 0.26
N VAL A 25 21.42 -20.30 1.19
CA VAL A 25 22.49 -20.00 2.14
C VAL A 25 21.89 -19.94 3.54
N TYR A 26 22.67 -20.36 4.54
CA TYR A 26 22.25 -20.36 5.92
C TYR A 26 23.00 -19.28 6.68
N ARG A 27 22.27 -18.47 7.44
CA ARG A 27 22.86 -17.44 8.27
C ARG A 27 22.81 -17.84 9.74
N ARG A 28 23.56 -17.12 10.56
CA ARG A 28 23.63 -17.36 12.01
C ARG A 28 23.33 -16.07 12.75
N VAL A 29 22.18 -15.46 12.42
CA VAL A 29 21.77 -14.17 13.04
C VAL A 29 21.98 -14.23 14.56
N ASP A 30 22.94 -13.47 15.07
CA ASP A 30 23.21 -13.40 16.53
C ASP A 30 22.32 -12.33 17.15
N LEU A 31 21.45 -12.71 18.08
CA LEU A 31 20.48 -11.74 18.64
C LEU A 31 21.22 -10.77 19.57
N MET A 32 22.42 -11.13 20.02
CA MET A 32 23.21 -10.26 20.91
C MET A 32 24.01 -9.28 20.06
N GLU A 33 23.37 -8.68 19.07
CA GLU A 33 24.01 -7.70 18.18
C GLU A 33 22.88 -6.79 17.70
N GLU A 34 23.14 -5.50 17.53
CA GLU A 34 22.02 -4.61 17.15
C GLU A 34 21.50 -5.03 15.78
N SER A 35 20.29 -4.58 15.43
CA SER A 35 19.66 -4.94 14.13
C SER A 35 19.27 -6.41 14.12
N ASN A 36 19.61 -7.17 15.15
CA ASN A 36 19.15 -8.58 15.23
C ASN A 36 18.52 -8.79 16.60
N ALA A 37 18.48 -7.74 17.41
CA ALA A 37 17.96 -7.91 18.79
C ALA A 37 16.45 -7.67 18.78
N VAL A 38 15.91 -7.25 17.65
CA VAL A 38 14.43 -7.10 17.55
C VAL A 38 13.81 -8.45 17.91
N LEU A 39 14.49 -9.54 17.58
CA LEU A 39 13.96 -10.90 17.84
C LEU A 39 14.27 -11.30 19.29
N TYR A 40 14.84 -10.39 20.07
CA TYR A 40 15.14 -10.70 21.49
C TYR A 40 14.58 -9.62 22.38
N TYR A 41 14.08 -8.53 21.80
CA TYR A 41 13.65 -7.36 22.63
C TYR A 41 13.14 -7.82 23.99
N PRO A 42 12.02 -8.55 24.15
CA PRO A 42 11.57 -8.92 25.48
C PRO A 42 12.13 -10.28 25.87
N PRO A 43 13.26 -10.35 26.59
CA PRO A 43 13.89 -11.63 26.88
C PRO A 43 12.92 -12.57 27.54
N ARG A 44 12.04 -12.00 28.36
CA ARG A 44 10.97 -12.80 29.00
C ARG A 44 9.63 -12.14 28.69
N PRO A 45 8.60 -12.94 28.35
CA PRO A 45 7.28 -12.36 28.05
C PRO A 45 6.81 -11.38 29.10
N ILE A 46 6.41 -10.18 28.67
CA ILE A 46 5.91 -9.17 29.58
C ILE A 46 4.50 -8.77 29.15
N GLY A 47 3.50 -9.40 29.77
CA GLY A 47 2.13 -9.16 29.37
C GLY A 47 1.89 -9.52 27.91
N ASP A 48 1.74 -8.51 27.06
CA ASP A 48 1.59 -8.70 25.63
C ASP A 48 2.87 -8.43 24.86
N ARG A 49 4.01 -8.42 25.55
CA ARG A 49 5.31 -8.15 24.94
C ARG A 49 6.08 -9.47 24.92
N LYS A 50 6.31 -10.04 23.73
CA LYS A 50 6.98 -11.37 23.69
C LYS A 50 8.03 -11.39 22.58
N ASN A 51 9.17 -12.08 22.79
CA ASN A 51 10.19 -12.22 21.72
C ASN A 51 9.78 -13.38 20.82
N LEU A 52 10.49 -13.58 19.71
CA LEU A 52 10.09 -14.64 18.77
C LEU A 52 10.06 -15.98 19.49
N PHE A 53 11.11 -16.30 20.24
CA PHE A 53 11.16 -17.64 20.83
C PHE A 53 10.01 -17.88 21.79
N SER A 54 9.64 -16.86 22.57
CA SER A 54 8.50 -16.99 23.47
C SER A 54 7.21 -17.21 22.67
N THR A 55 7.04 -16.45 21.59
CA THR A 55 5.86 -16.59 20.73
C THR A 55 5.80 -18.00 20.13
N ILE A 56 6.93 -18.49 19.65
CA ILE A 56 7.04 -19.80 19.01
C ILE A 56 6.75 -20.89 20.04
N PHE A 57 7.29 -20.75 21.25
CA PHE A 57 7.07 -21.72 22.30
C PHE A 57 5.59 -21.77 22.68
N GLY A 58 4.96 -20.61 22.78
CA GLY A 58 3.52 -20.59 23.05
C GLY A 58 2.72 -21.22 21.92
N LEU A 59 3.11 -20.94 20.68
CA LEU A 59 2.41 -21.50 19.53
C LEU A 59 2.51 -23.02 19.47
N ILE A 60 3.70 -23.57 19.72
CA ILE A 60 3.86 -25.02 19.77
C ILE A 60 3.10 -25.59 20.96
N ASN A 61 3.07 -24.86 22.07
CA ASN A 61 2.33 -25.33 23.25
C ASN A 61 0.84 -25.42 22.97
N SER A 62 0.35 -24.72 21.95
CA SER A 62 -1.06 -24.76 21.58
C SER A 62 -1.31 -25.54 20.30
N ASN A 63 -0.35 -26.37 19.87
CA ASN A 63 -0.45 -27.14 18.63
C ASN A 63 -0.76 -26.24 17.44
N SER A 64 -0.24 -25.01 17.46
CA SER A 64 -0.49 -24.05 16.38
C SER A 64 0.72 -23.82 15.50
N LEU A 65 1.82 -24.55 15.73
CA LEU A 65 3.03 -24.39 14.92
C LEU A 65 3.61 -25.77 14.65
N ASP A 66 3.96 -26.01 13.38
CA ASP A 66 4.55 -27.28 12.96
C ASP A 66 6.05 -27.07 12.81
N VAL A 67 6.82 -27.50 13.80
CA VAL A 67 8.27 -27.35 13.80
C VAL A 67 8.89 -28.74 13.71
N TYR A 68 10.07 -28.80 13.11
CA TYR A 68 10.74 -30.06 12.82
C TYR A 68 12.13 -30.05 13.43
N GLU A 69 12.63 -31.26 13.74
CA GLU A 69 13.86 -31.45 14.47
C GLU A 69 15.06 -30.94 13.68
N TYR A 70 16.06 -30.44 14.42
CA TYR A 70 17.31 -30.03 13.79
C TYR A 70 18.15 -31.26 13.47
N LEU A 71 18.11 -31.70 12.21
CA LEU A 71 18.91 -32.84 11.76
C LEU A 71 20.23 -32.29 11.22
N ASP A 72 21.33 -32.71 11.83
CA ASP A 72 22.64 -32.21 11.46
C ASP A 72 23.00 -32.65 10.04
N GLY A 73 22.95 -31.71 9.09
CA GLY A 73 23.30 -32.03 7.73
C GLY A 73 22.23 -31.65 6.72
N PHE A 74 20.96 -31.73 7.12
CA PHE A 74 19.88 -31.53 6.16
C PHE A 74 18.62 -31.07 6.88
N GLU A 75 17.65 -30.60 6.09
CA GLU A 75 16.48 -29.91 6.60
C GLU A 75 15.18 -30.43 5.99
N ALA A 76 15.00 -31.75 5.97
CA ALA A 76 13.78 -32.33 5.38
C ALA A 76 12.56 -31.97 6.23
N PHE A 77 11.60 -31.28 5.60
CA PHE A 77 10.36 -30.90 6.27
C PHE A 77 9.25 -31.86 5.90
N THR A 78 9.21 -32.97 6.63
CA THR A 78 8.22 -34.02 6.39
C THR A 78 7.52 -34.37 7.71
N ASP A 79 6.36 -35.01 7.59
CA ASP A 79 5.57 -35.39 8.76
C ASP A 79 6.34 -36.34 9.66
N GLN A 80 7.35 -37.03 9.11
CA GLN A 80 8.17 -37.95 9.87
C GLN A 80 8.95 -37.20 10.95
N TYR A 81 9.43 -36.00 10.63
CA TYR A 81 10.32 -35.26 11.51
C TYR A 81 9.60 -34.23 12.37
N LYS A 82 8.28 -34.25 12.43
CA LYS A 82 7.56 -33.42 13.38
C LYS A 82 8.00 -33.77 14.80
N ILE A 83 8.32 -32.75 15.57
CA ILE A 83 8.92 -32.95 16.88
C ILE A 83 7.81 -33.30 17.89
N LYS A 84 8.19 -34.04 18.93
CA LYS A 84 7.30 -34.35 20.04
C LYS A 84 7.62 -33.36 21.17
N PHE A 85 6.61 -32.57 21.55
CA PHE A 85 6.81 -31.47 22.48
C PHE A 85 7.33 -31.95 23.83
N GLN A 86 6.74 -33.03 24.36
CA GLN A 86 7.18 -33.56 25.64
C GLN A 86 8.63 -34.03 25.56
N GLU A 87 8.98 -34.68 24.46
CA GLU A 87 10.35 -35.12 24.23
C GLU A 87 11.29 -33.92 24.16
N PHE A 88 10.86 -32.86 23.46
CA PHE A 88 11.67 -31.66 23.34
C PHE A 88 11.94 -31.03 24.71
N LEU A 89 10.90 -30.91 25.53
CA LEU A 89 11.08 -30.35 26.86
C LEU A 89 11.97 -31.25 27.71
N ASP A 90 11.79 -32.57 27.61
CA ASP A 90 12.60 -33.49 28.40
C ASP A 90 14.05 -33.54 27.92
N ARG A 91 14.25 -33.68 26.62
CA ARG A 91 15.60 -33.95 26.11
C ARG A 91 16.51 -32.74 26.26
N PHE A 92 15.93 -31.54 26.14
CA PHE A 92 16.67 -30.31 26.37
C PHE A 92 16.61 -29.84 27.81
N GLY A 93 15.97 -30.61 28.69
CA GLY A 93 15.94 -30.30 30.11
C GLY A 93 15.11 -29.08 30.46
N ILE A 94 13.80 -29.14 30.22
CA ILE A 94 12.87 -28.09 30.60
C ILE A 94 11.91 -28.68 31.63
N TYR A 95 11.88 -28.09 32.82
CA TYR A 95 10.97 -28.56 33.86
C TYR A 95 9.56 -28.06 33.59
N TYR A 96 8.64 -28.98 33.35
CA TYR A 96 7.25 -28.65 33.07
C TYR A 96 6.34 -29.48 33.93
N GLN A 97 5.18 -28.92 34.25
CA GLN A 97 4.15 -29.66 34.97
C GLN A 97 2.84 -29.55 34.19
N PRO A 98 2.17 -30.66 33.90
CA PRO A 98 0.95 -30.60 33.08
C PRO A 98 -0.21 -30.04 33.89
N SER A 99 -0.78 -28.93 33.40
CA SER A 99 -1.96 -28.34 33.99
C SER A 99 -3.21 -28.90 33.29
N THR A 100 -4.35 -28.27 33.55
CA THR A 100 -5.58 -28.62 32.85
C THR A 100 -5.37 -28.43 31.35
N ASN A 101 -5.41 -29.54 30.60
CA ASN A 101 -5.08 -29.47 29.18
C ASN A 101 -6.05 -28.60 28.40
N LYS A 102 -7.35 -28.74 28.66
CA LYS A 102 -8.44 -27.97 28.05
C LYS A 102 -8.25 -27.79 26.55
N ASN A 103 -7.58 -28.75 25.91
CA ASN A 103 -7.25 -28.75 24.47
C ASN A 103 -6.59 -27.46 24.00
N ALA A 104 -6.13 -26.63 24.94
CA ALA A 104 -5.49 -25.37 24.60
C ALA A 104 -3.98 -25.47 24.75
N GLU A 105 -3.51 -25.81 25.94
CA GLU A 105 -2.08 -25.92 26.19
C GLU A 105 -1.71 -27.34 26.60
N LEU A 106 -0.70 -27.89 25.93
CA LEU A 106 -0.29 -29.26 26.22
C LEU A 106 0.36 -29.38 27.58
N PHE A 107 1.32 -28.51 27.88
CA PHE A 107 2.02 -28.55 29.16
C PHE A 107 2.22 -27.13 29.65
N LYS A 108 2.02 -26.95 30.96
CA LYS A 108 2.20 -25.65 31.59
C LYS A 108 3.68 -25.45 31.90
N VAL A 109 4.31 -24.51 31.21
CA VAL A 109 5.72 -24.20 31.39
C VAL A 109 5.84 -22.81 31.99
N ALA A 110 6.53 -22.71 33.12
CA ALA A 110 6.74 -21.43 33.77
C ALA A 110 7.60 -20.53 32.91
N ASP A 111 7.26 -19.24 32.88
CA ASP A 111 7.99 -18.28 32.07
C ASP A 111 9.45 -18.19 32.49
N SER A 112 9.71 -18.40 33.78
CA SER A 112 11.09 -18.44 34.27
C SER A 112 11.86 -19.59 33.62
N ASP A 113 11.18 -20.69 33.31
CA ASP A 113 11.83 -21.84 32.72
C ASP A 113 11.75 -21.87 31.20
N ILE A 114 10.93 -21.03 30.59
CA ILE A 114 10.94 -21.00 29.13
C ILE A 114 12.29 -20.49 28.65
N PRO A 115 13.06 -21.28 27.84
CA PRO A 115 14.40 -20.84 27.47
C PRO A 115 14.33 -19.71 26.47
N SER A 116 13.54 -18.69 26.78
CA SER A 116 13.31 -17.61 25.80
C SER A 116 14.47 -16.60 25.79
N ALA A 117 15.26 -16.54 26.85
CA ALA A 117 16.32 -15.51 26.90
C ALA A 117 17.69 -16.14 26.64
N GLU A 118 17.74 -17.47 26.48
CA GLU A 118 19.01 -18.16 26.17
C GLU A 118 19.11 -18.35 24.66
N VAL A 119 17.97 -18.41 23.96
CA VAL A 119 18.06 -18.46 22.47
C VAL A 119 18.63 -17.10 22.04
N LYS A 120 19.95 -17.02 21.88
CA LYS A 120 20.57 -15.71 21.57
C LYS A 120 21.02 -15.67 20.11
N ALA A 121 20.64 -16.68 19.33
CA ALA A 121 20.95 -16.64 17.88
C ALA A 121 19.96 -17.48 17.08
N TYR A 122 19.93 -17.29 15.77
CA TYR A 122 19.00 -18.00 14.90
C TYR A 122 19.71 -18.46 13.63
N TYR A 123 19.45 -19.69 13.22
CA TYR A 123 19.80 -20.12 11.87
C TYR A 123 18.67 -19.74 10.93
N VAL A 124 18.99 -18.94 9.92
CA VAL A 124 18.00 -18.47 8.95
C VAL A 124 18.37 -19.07 7.59
N LYS A 125 17.53 -19.97 7.10
CA LYS A 125 17.67 -20.48 5.75
C LYS A 125 16.98 -19.54 4.79
N GLU A 126 17.76 -18.84 3.97
CA GLU A 126 17.24 -17.91 2.99
C GLU A 126 17.67 -18.36 1.60
N GLU A 127 16.76 -18.24 0.65
CA GLU A 127 16.96 -18.74 -0.70
C GLU A 127 16.97 -17.56 -1.66
N TRP A 128 18.16 -17.17 -2.12
CA TRP A 128 18.27 -16.15 -3.14
C TRP A 128 17.84 -16.73 -4.47
N TYR A 129 16.95 -16.04 -5.17
CA TYR A 129 16.44 -16.53 -6.44
C TYR A 129 16.35 -15.40 -7.43
N PHE A 130 16.46 -15.75 -8.71
CA PHE A 130 16.34 -14.83 -9.82
C PHE A 130 14.96 -15.00 -10.45
N THR A 131 14.15 -13.97 -10.38
CA THR A 131 12.76 -14.08 -10.81
C THR A 131 12.69 -14.29 -12.32
N PRO A 132 12.03 -15.35 -12.80
CA PRO A 132 12.03 -15.63 -14.23
C PRO A 132 11.16 -14.70 -15.06
N THR A 133 10.25 -13.95 -14.44
CA THR A 133 9.29 -13.14 -15.18
C THR A 133 9.68 -11.68 -15.32
N ASN A 134 10.47 -11.12 -14.39
CA ASN A 134 10.89 -9.73 -14.50
C ASN A 134 12.38 -9.54 -14.24
N SER A 135 13.14 -10.63 -14.13
CA SER A 135 14.59 -10.56 -13.95
C SER A 135 14.97 -9.72 -12.74
N ASP A 136 14.54 -10.12 -11.55
CA ASP A 136 14.85 -9.40 -10.33
C ASP A 136 15.34 -10.37 -9.29
N VAL A 137 16.43 -10.02 -8.61
CA VAL A 137 16.95 -10.86 -7.53
C VAL A 137 16.19 -10.56 -6.25
N ASP A 138 15.81 -11.61 -5.54
CA ASP A 138 15.06 -11.44 -4.31
C ASP A 138 15.42 -12.57 -3.37
N ILE A 139 15.22 -12.32 -2.07
CA ILE A 139 15.51 -13.28 -1.04
C ILE A 139 14.20 -13.82 -0.48
N LYS A 140 14.12 -15.14 -0.36
CA LYS A 140 12.91 -15.78 0.16
C LYS A 140 13.32 -16.56 1.41
N ILE A 141 12.73 -16.19 2.54
CA ILE A 141 13.01 -16.92 3.78
C ILE A 141 12.34 -18.28 3.72
N GLN A 142 13.12 -19.33 3.97
CA GLN A 142 12.59 -20.69 3.98
C GLN A 142 12.26 -21.19 5.37
N ALA A 143 13.18 -21.03 6.32
CA ALA A 143 12.95 -21.51 7.67
C ALA A 143 13.88 -20.77 8.62
N ILE A 144 13.53 -20.80 9.90
CA ILE A 144 14.35 -20.21 10.95
C ILE A 144 14.53 -21.25 12.05
N CYS A 145 15.74 -21.38 12.56
CA CYS A 145 16.06 -22.39 13.57
C CYS A 145 16.53 -21.74 14.85
N PRO A 146 15.71 -21.70 15.91
CA PRO A 146 16.17 -21.17 17.19
C PRO A 146 17.23 -22.08 17.79
N ILE A 147 18.40 -21.51 18.07
CA ILE A 147 19.49 -22.25 18.67
C ILE A 147 19.69 -21.72 20.08
N MET A 148 19.59 -22.61 21.07
CA MET A 148 19.71 -22.22 22.48
C MET A 148 21.19 -22.09 22.83
N THR A 149 21.61 -20.88 23.17
CA THR A 149 22.99 -20.65 23.61
C THR A 149 23.16 -21.14 25.05
N GLY A 150 23.09 -22.47 25.20
CA GLY A 150 23.20 -23.10 26.49
C GLY A 150 24.63 -23.16 26.98
N GLN A 151 24.78 -23.55 28.24
CA GLN A 151 26.08 -23.62 28.89
C GLN A 151 26.29 -25.05 29.40
N ASP A 152 27.40 -25.66 28.98
CA ASP A 152 27.69 -27.05 29.32
C ASP A 152 28.76 -27.16 30.40
N GLU A 153 28.87 -26.14 31.24
CA GLU A 153 29.93 -26.13 32.29
C GLU A 153 31.26 -26.53 31.63
N PHE A 154 31.65 -27.80 31.77
CA PHE A 154 32.90 -28.30 31.15
C PHE A 154 32.95 -27.84 29.69
N GLY A 155 31.83 -27.95 28.97
CA GLY A 155 31.83 -27.59 27.56
C GLY A 155 31.42 -26.17 27.27
N GLU A 156 31.39 -25.29 28.28
CA GLU A 156 30.99 -23.90 28.18
C GLU A 156 29.78 -23.71 27.26
N VAL A 157 29.80 -22.68 26.42
CA VAL A 157 28.70 -22.43 25.50
C VAL A 157 28.51 -23.63 24.57
N ARG A 158 27.30 -24.16 24.52
CA ARG A 158 27.02 -25.34 23.71
C ARG A 158 26.37 -24.99 22.37
N ASN A 159 25.50 -23.97 22.34
CA ASN A 159 24.89 -23.50 21.10
C ASN A 159 24.20 -24.62 20.33
N GLN A 160 23.39 -25.43 21.02
CA GLN A 160 22.73 -26.55 20.37
C GLN A 160 21.43 -26.09 19.74
N PRO A 161 21.24 -26.30 18.43
CA PRO A 161 19.96 -25.92 17.80
C PRO A 161 18.80 -26.72 18.36
N LEU A 162 17.62 -26.09 18.39
CA LEU A 162 16.45 -26.73 18.99
C LEU A 162 15.63 -27.47 17.94
N PHE A 163 15.12 -26.74 16.95
CA PHE A 163 14.30 -27.33 15.90
C PHE A 163 14.32 -26.39 14.69
N TRP A 164 13.60 -26.78 13.65
CA TRP A 164 13.52 -26.01 12.41
C TRP A 164 12.08 -25.56 12.20
N ILE A 165 11.90 -24.28 11.90
CA ILE A 165 10.57 -23.71 11.76
C ILE A 165 10.36 -23.23 10.33
N PRO A 166 9.57 -23.94 9.52
CA PRO A 166 9.24 -23.43 8.18
C PRO A 166 8.62 -22.05 8.28
N TYR A 167 9.07 -21.14 7.42
CA TYR A 167 8.72 -19.74 7.58
C TYR A 167 7.24 -19.48 7.31
N GLU A 168 6.64 -20.22 6.38
CA GLU A 168 5.23 -20.00 6.09
C GLU A 168 4.35 -20.41 7.26
N ASN A 169 4.85 -21.30 8.12
CA ASN A 169 4.10 -21.71 9.30
C ASN A 169 4.09 -20.62 10.36
N ILE A 170 5.18 -19.85 10.47
CA ILE A 170 5.28 -18.86 11.54
C ILE A 170 4.83 -17.49 11.04
N ARG A 171 4.79 -17.30 9.73
CA ARG A 171 4.50 -16.00 9.11
C ARG A 171 3.15 -15.43 9.56
N PRO A 172 2.05 -16.21 9.61
CA PRO A 172 0.76 -15.63 10.02
C PRO A 172 0.77 -15.03 11.41
N TYR A 173 1.54 -15.62 12.33
CA TYR A 173 1.54 -15.21 13.72
C TYR A 173 2.59 -14.15 14.04
N ILE A 174 3.37 -13.71 13.05
CA ILE A 174 4.38 -12.68 13.28
C ILE A 174 4.11 -11.49 12.36
N ALA A 175 3.06 -11.59 11.55
CA ALA A 175 2.68 -10.52 10.64
C ALA A 175 1.69 -9.54 11.25
N ARG A 176 1.37 -9.70 12.54
CA ARG A 176 0.36 -8.86 13.18
C ARG A 176 0.95 -7.97 14.26
N GLU A 177 1.66 -8.54 15.23
CA GLU A 177 2.19 -7.77 16.34
C GLU A 177 3.29 -6.82 15.88
N ARG A 178 3.33 -5.63 16.48
CA ARG A 178 4.27 -4.58 16.09
C ARG A 178 5.49 -4.59 17.00
N VAL A 179 6.66 -4.33 16.41
CA VAL A 179 7.91 -4.24 17.14
C VAL A 179 8.66 -2.99 16.71
N MET A 180 9.57 -2.53 17.58
CA MET A 180 10.43 -1.41 17.23
C MET A 180 11.74 -1.94 16.67
N LEU A 181 12.14 -1.44 15.50
CA LEU A 181 13.34 -1.93 14.84
C LEU A 181 14.61 -1.31 15.39
N SER A 182 14.53 -0.12 15.97
CA SER A 182 15.69 0.62 16.44
C SER A 182 15.51 1.01 17.89
N SER A 183 16.63 1.25 18.56
CA SER A 183 16.64 1.75 19.93
C SER A 183 16.66 3.26 20.00
N LEU A 184 16.75 3.94 18.87
CA LEU A 184 16.71 5.40 18.81
C LEU A 184 15.32 5.93 18.48
N ASN A 185 14.53 5.17 17.72
CA ASN A 185 13.13 5.49 17.46
C ASN A 185 12.32 4.29 17.93
N ASN A 186 11.59 4.48 19.04
CA ASN A 186 10.89 3.38 19.71
C ASN A 186 9.44 3.25 19.25
N THR A 187 9.15 3.63 18.01
CA THR A 187 7.80 3.50 17.49
C THR A 187 7.56 2.07 17.04
N ARG A 188 6.52 1.45 17.60
CA ARG A 188 6.12 0.10 17.18
C ARG A 188 5.35 0.20 15.87
N ASN A 189 6.06 0.44 14.77
CA ASN A 189 5.42 0.69 13.49
C ASN A 189 5.47 -0.50 12.53
N SER A 190 6.44 -1.39 12.66
CA SER A 190 6.57 -2.53 11.77
C SER A 190 6.53 -3.83 12.58
N THR A 191 6.40 -4.93 11.85
CA THR A 191 6.31 -6.26 12.44
C THR A 191 7.59 -7.03 12.20
N ILE A 192 7.74 -8.16 12.91
CA ILE A 192 8.86 -9.04 12.68
C ILE A 192 8.79 -9.65 11.28
N ASP A 193 7.58 -9.84 10.75
CA ASP A 193 7.45 -10.26 9.37
C ASP A 193 8.11 -9.25 8.43
N ASP A 194 7.97 -7.96 8.73
CA ASP A 194 8.67 -6.94 7.96
C ASP A 194 10.17 -7.03 8.19
N PHE A 195 10.58 -7.42 9.38
CA PHE A 195 12.03 -7.54 9.70
C PHE A 195 12.65 -8.60 8.83
N PHE A 196 11.95 -9.73 8.70
CA PHE A 196 12.46 -10.83 7.90
C PHE A 196 12.31 -10.57 6.39
N ARG A 197 11.22 -9.93 5.99
CA ARG A 197 10.99 -9.70 4.56
C ARG A 197 11.94 -8.66 3.99
N LEU A 198 12.26 -7.62 4.76
CA LEU A 198 13.20 -6.60 4.34
C LEU A 198 14.64 -7.00 4.60
N ASN A 199 14.87 -8.20 5.13
CA ASN A 199 16.20 -8.71 5.40
C ASN A 199 17.01 -7.75 6.27
N LEU A 200 16.33 -7.21 7.29
CA LEU A 200 17.01 -6.25 8.20
C LEU A 200 17.91 -7.03 9.15
N TYR A 201 17.81 -8.35 9.14
CA TYR A 201 18.64 -9.18 10.05
C TYR A 201 20.03 -9.22 9.50
N LYS A 202 21.02 -9.20 10.39
CA LYS A 202 22.43 -9.22 9.95
C LYS A 202 23.05 -10.51 10.49
N GLY A 203 23.52 -11.38 9.58
CA GLY A 203 24.07 -12.66 10.01
C GLY A 203 25.20 -13.11 9.14
N ASP A 204 26.05 -13.98 9.67
CA ASP A 204 27.19 -14.51 8.93
C ASP A 204 26.77 -15.85 8.31
N ILE A 205 27.08 -16.03 7.03
CA ILE A 205 26.77 -17.28 6.35
C ILE A 205 27.57 -18.41 6.98
N VAL A 206 26.88 -19.44 7.46
CA VAL A 206 27.54 -20.58 8.07
C VAL A 206 27.46 -21.84 7.20
N LYS A 207 26.62 -21.83 6.16
CA LYS A 207 26.51 -22.97 5.28
C LYS A 207 25.82 -22.53 4.00
N THR A 208 26.19 -23.17 2.90
CA THR A 208 25.57 -22.99 1.60
C THR A 208 25.19 -24.37 1.08
N GLU A 209 24.19 -24.42 0.21
CA GLU A 209 23.74 -25.70 -0.33
C GLU A 209 24.81 -26.22 -1.28
N ASN A 210 25.87 -26.75 -0.69
CA ASN A 210 27.03 -27.23 -1.42
C ASN A 210 26.75 -28.59 -2.06
N LEU A 211 27.59 -28.94 -3.03
CA LEU A 211 27.49 -30.25 -3.68
C LEU A 211 28.02 -31.37 -2.81
N HIS A 212 28.91 -31.07 -1.87
CA HIS A 212 29.40 -32.06 -0.92
C HIS A 212 28.72 -31.95 0.44
N ASN A 213 27.71 -31.09 0.56
CA ASN A 213 27.00 -30.86 1.81
C ASN A 213 27.96 -30.45 2.93
N ARG A 214 28.92 -29.61 2.57
CA ARG A 214 29.93 -29.13 3.50
C ARG A 214 29.55 -27.77 4.06
N ALA A 215 29.77 -27.61 5.35
CA ALA A 215 29.54 -26.34 6.04
C ALA A 215 30.87 -25.62 6.21
N LEU A 216 30.80 -24.30 6.41
CA LEU A 216 31.99 -23.49 6.57
C LEU A 216 32.83 -23.95 7.76
N ALA A 217 32.17 -24.46 8.80
CA ALA A 217 32.88 -24.87 10.02
C ALA A 217 33.87 -25.99 9.72
N GLU A 218 33.54 -26.87 8.77
CA GLU A 218 34.36 -28.03 8.47
C GLU A 218 35.75 -27.66 7.97
N TYR A 219 35.83 -26.69 7.06
CA TYR A 219 37.10 -26.30 6.46
C TYR A 219 37.57 -24.92 6.91
N CYS A 220 37.07 -24.42 8.03
CA CYS A 220 37.55 -23.19 8.64
C CYS A 220 37.81 -23.44 10.11
N PRO A 221 39.06 -23.58 10.54
CA PRO A 221 39.34 -23.96 11.93
C PRO A 221 38.96 -22.90 12.95
N THR A 222 39.28 -21.64 12.67
CA THR A 222 39.11 -20.55 13.62
C THR A 222 37.99 -19.61 13.20
N PRO A 223 37.39 -18.87 14.15
CA PRO A 223 36.29 -17.97 13.81
C PRO A 223 36.62 -16.93 12.75
N ASP A 224 37.87 -16.46 12.71
CA ASP A 224 38.27 -15.49 11.71
C ASP A 224 38.20 -16.08 10.30
N SER A 225 38.58 -17.35 10.18
CA SER A 225 38.48 -18.04 8.89
C SER A 225 37.02 -18.15 8.45
N MET A 226 36.12 -18.47 9.37
CA MET A 226 34.70 -18.48 9.04
C MET A 226 34.21 -17.10 8.65
N LYS A 227 34.70 -16.06 9.33
CA LYS A 227 34.34 -14.69 9.00
C LYS A 227 34.74 -14.35 7.57
N MET A 228 36.00 -14.64 7.22
CA MET A 228 36.47 -14.29 5.87
C MET A 228 35.78 -15.14 4.80
N GLU A 229 35.47 -16.41 5.11
CA GLU A 229 34.74 -17.23 4.14
C GLU A 229 33.33 -16.69 3.93
N SER A 230 32.66 -16.28 5.02
CA SER A 230 31.33 -15.68 4.90
C SER A 230 31.39 -14.39 4.09
N LYS A 231 32.44 -13.58 4.30
CA LYS A 231 32.62 -12.39 3.49
C LYS A 231 32.80 -12.74 2.02
N ARG A 232 33.56 -13.81 1.74
CA ARG A 232 33.75 -14.24 0.36
C ARG A 232 32.43 -14.64 -0.29
N ILE A 233 31.60 -15.41 0.45
CA ILE A 233 30.32 -15.84 -0.11
C ILE A 233 29.40 -14.65 -0.33
N ASP A 234 29.41 -13.69 0.61
CA ASP A 234 28.63 -12.48 0.43
C ASP A 234 29.11 -11.69 -0.79
N LYS A 235 30.43 -11.60 -0.98
CA LYS A 235 30.96 -10.89 -2.14
C LYS A 235 30.55 -11.55 -3.44
N GLU A 236 30.56 -12.88 -3.49
CA GLU A 236 30.12 -13.56 -4.71
C GLU A 236 28.62 -13.45 -4.94
N LEU A 237 27.80 -13.49 -3.89
CA LEU A 237 26.38 -13.26 -4.04
C LEU A 237 26.09 -11.85 -4.56
N GLN A 238 26.82 -10.86 -4.06
CA GLN A 238 26.67 -9.49 -4.56
C GLN A 238 27.22 -9.36 -5.97
N GLY A 239 28.29 -10.09 -6.28
CA GLY A 239 28.85 -10.02 -7.62
C GLY A 239 27.93 -10.58 -8.67
N PHE A 240 27.11 -11.56 -8.29
CA PHE A 240 26.07 -12.03 -9.21
C PHE A 240 25.17 -10.86 -9.65
N ARG A 241 24.64 -10.13 -8.67
CA ARG A 241 23.77 -8.99 -8.97
C ARG A 241 24.53 -7.92 -9.74
N ASP A 242 25.79 -7.69 -9.39
CA ASP A 242 26.58 -6.67 -10.08
C ASP A 242 26.79 -7.04 -11.54
N GLY A 243 27.05 -8.31 -11.83
CA GLY A 243 27.27 -8.75 -13.19
C GLY A 243 26.00 -8.89 -14.01
N LEU A 244 24.84 -8.95 -13.34
CA LEU A 244 23.59 -9.04 -14.09
C LEU A 244 23.36 -7.80 -14.96
N PHE A 245 23.61 -6.61 -14.42
CA PHE A 245 23.23 -5.37 -15.10
C PHE A 245 24.45 -4.64 -15.62
N VAL A 246 24.25 -3.87 -16.70
CA VAL A 246 25.37 -3.30 -17.44
C VAL A 246 25.20 -1.80 -17.65
N THR A 247 24.41 -1.15 -16.79
CA THR A 247 24.27 0.30 -16.87
C THR A 247 25.40 1.05 -16.17
N GLN A 248 26.20 0.37 -15.34
CA GLN A 248 27.33 0.99 -14.69
C GLN A 248 28.61 0.88 -15.50
N ASP A 249 28.62 0.13 -16.59
CA ASP A 249 29.80 0.02 -17.42
C ASP A 249 30.02 1.30 -18.21
N THR A 250 31.26 1.81 -18.24
CA THR A 250 31.54 3.01 -19.05
C THR A 250 32.57 2.70 -20.11
N THR A 251 32.79 1.43 -20.42
CA THR A 251 33.85 1.02 -21.37
C THR A 251 33.60 1.62 -22.74
N TRP A 252 32.41 2.18 -22.97
CA TRP A 252 32.05 2.69 -24.30
C TRP A 252 32.58 4.10 -24.51
N MET A 253 32.47 4.92 -23.47
CA MET A 253 32.94 6.32 -23.56
C MET A 253 34.41 6.25 -23.96
N LYS A 254 35.07 5.12 -23.65
CA LYS A 254 36.50 4.93 -24.02
C LYS A 254 37.21 6.30 -24.02
N GLU B 1 -0.47 -13.68 -48.59
CA GLU B 1 0.55 -12.70 -48.22
C GLU B 1 0.20 -12.02 -46.89
N LEU B 2 1.16 -12.01 -45.97
CA LEU B 2 0.96 -11.45 -44.63
C LEU B 2 1.27 -9.96 -44.66
N THR B 3 0.25 -9.17 -45.01
CA THR B 3 0.39 -7.72 -45.00
C THR B 3 0.06 -7.12 -43.64
N GLY B 4 -0.95 -7.65 -42.95
CA GLY B 4 -1.34 -7.14 -41.66
C GLY B 4 -2.71 -6.49 -41.67
N ALA B 5 -3.47 -6.67 -40.60
CA ALA B 5 -4.81 -6.11 -40.47
C ALA B 5 -4.77 -5.06 -39.35
N LYS B 6 -4.40 -3.84 -39.72
CA LYS B 6 -4.34 -2.75 -38.75
C LYS B 6 -5.75 -2.25 -38.44
N LEU B 7 -5.83 -1.45 -37.38
CA LEU B 7 -7.08 -0.86 -36.94
C LEU B 7 -7.12 0.63 -37.25
N SER B 8 -8.34 1.18 -37.25
CA SER B 8 -8.51 2.60 -37.50
C SER B 8 -7.80 3.42 -36.44
N SER B 9 -7.05 4.43 -36.88
CA SER B 9 -6.25 5.23 -35.97
C SER B 9 -7.15 6.06 -35.06
N TRP B 10 -6.80 6.10 -33.77
CA TRP B 10 -7.58 6.84 -32.80
C TRP B 10 -6.96 8.21 -32.55
N ASN B 11 -7.48 8.95 -31.58
CA ASN B 11 -6.98 10.27 -31.25
C ASN B 11 -6.65 10.30 -29.77
N GLU B 12 -5.72 11.19 -29.41
CA GLU B 12 -5.24 11.33 -28.04
C GLU B 12 -5.64 12.69 -27.48
N PRO B 13 -6.79 12.79 -26.81
CA PRO B 13 -7.21 14.09 -26.24
C PRO B 13 -6.42 14.44 -24.99
N SER B 14 -5.27 15.08 -25.17
CA SER B 14 -4.43 15.53 -24.06
C SER B 14 -5.28 16.17 -22.97
N PRO B 15 -5.33 15.60 -21.78
CA PRO B 15 -6.22 16.13 -20.73
C PRO B 15 -5.82 17.54 -20.33
N PHE B 16 -6.85 18.33 -19.99
CA PHE B 16 -6.63 19.72 -19.60
C PHE B 16 -6.00 19.80 -18.22
N GLY B 17 -5.05 20.72 -18.08
CA GLY B 17 -4.42 20.95 -16.79
C GLY B 17 -3.42 19.90 -16.38
N MET B 18 -3.04 19.00 -17.28
CA MET B 18 -2.05 17.98 -16.98
C MET B 18 -0.84 18.11 -17.90
N ILE B 19 0.26 17.53 -17.46
CA ILE B 19 1.48 17.47 -18.24
C ILE B 19 1.81 16.01 -18.51
N GLN B 20 2.76 15.79 -19.40
CA GLN B 20 3.18 14.45 -19.78
C GLN B 20 4.54 14.17 -19.13
N VAL B 21 4.58 13.15 -18.27
CA VAL B 21 5.85 12.71 -17.69
C VAL B 21 6.35 11.52 -18.50
N PRO B 22 7.60 11.55 -18.96
CA PRO B 22 8.11 10.45 -19.79
C PRO B 22 8.35 9.20 -18.96
N ARG B 23 8.32 8.06 -19.65
CA ARG B 23 8.68 6.80 -19.02
C ARG B 23 10.16 6.82 -18.64
N GLY B 24 10.46 6.21 -17.50
CA GLY B 24 11.82 6.23 -17.01
C GLY B 24 11.97 5.39 -15.76
N SER B 25 13.19 5.38 -15.24
CA SER B 25 13.55 4.59 -14.09
C SER B 25 14.08 5.48 -12.99
N ILE B 26 13.83 5.08 -11.74
CA ILE B 26 14.26 5.82 -10.57
C ILE B 26 14.44 4.86 -9.41
N VAL B 27 15.32 5.24 -8.48
CA VAL B 27 15.58 4.41 -7.29
C VAL B 27 14.70 4.98 -6.18
N LEU B 28 13.59 4.28 -5.92
CA LEU B 28 12.69 4.68 -4.86
C LEU B 28 13.36 4.58 -3.50
N GLY B 29 13.18 5.58 -2.66
CA GLY B 29 13.72 5.56 -1.31
C GLY B 29 14.96 6.42 -1.19
N ASN B 30 15.37 6.66 0.05
CA ASN B 30 16.56 7.45 0.36
C ASN B 30 17.69 6.49 0.70
N LYS B 31 18.77 6.56 -0.07
CA LYS B 31 19.89 5.63 0.14
C LYS B 31 20.59 5.89 1.46
N GLU B 32 20.92 7.15 1.75
CA GLU B 32 21.51 7.49 3.03
C GLU B 32 20.41 7.62 4.09
N ALA B 33 20.66 7.06 5.27
CA ALA B 33 19.66 7.00 6.33
C ALA B 33 20.09 7.86 7.51
N ASP B 34 19.14 8.60 8.07
CA ASP B 34 19.37 9.39 9.27
C ASP B 34 19.16 8.49 10.48
N SER B 35 20.26 8.12 11.15
CA SER B 35 20.17 7.19 12.26
C SER B 35 19.38 7.76 13.43
N LEU B 36 19.40 9.08 13.61
CA LEU B 36 18.65 9.69 14.70
C LEU B 36 17.16 9.47 14.56
N TRP B 37 16.68 9.27 13.33
CA TRP B 37 15.27 8.99 13.09
C TRP B 37 14.93 7.51 13.24
N GLY B 38 15.92 6.66 13.48
CA GLY B 38 15.68 5.26 13.74
C GLY B 38 15.48 4.41 12.52
N ILE B 39 14.91 4.99 11.46
CA ILE B 39 14.60 4.24 10.24
C ILE B 39 15.88 3.71 9.60
N PRO B 40 15.85 2.51 9.03
CA PRO B 40 16.96 2.07 8.18
C PRO B 40 16.78 2.58 6.76
N ALA B 41 17.66 2.17 5.85
CA ALA B 41 17.55 2.54 4.45
C ALA B 41 16.88 1.42 3.67
N GLU B 42 15.87 1.80 2.87
CA GLU B 42 15.15 0.83 2.03
C GLU B 42 14.99 1.47 0.65
N SER B 43 15.78 0.98 -0.30
CA SER B 43 15.78 1.51 -1.66
C SER B 43 15.59 0.38 -2.66
N ARG B 44 14.78 0.64 -3.68
CA ARG B 44 14.57 -0.33 -4.76
C ARG B 44 14.39 0.39 -6.08
N PRO B 45 15.27 0.16 -7.05
CA PRO B 45 15.08 0.76 -8.38
C PRO B 45 13.82 0.23 -9.05
N ILE B 46 13.14 1.10 -9.78
CA ILE B 46 11.88 0.77 -10.44
C ILE B 46 11.87 1.40 -11.83
N SER B 47 10.85 1.04 -12.59
CA SER B 47 10.56 1.67 -13.88
C SER B 47 9.06 1.86 -14.00
N VAL B 48 8.66 3.01 -14.55
CA VAL B 48 7.25 3.35 -14.71
C VAL B 48 7.02 3.83 -16.14
N ASP B 49 5.87 3.46 -16.70
CA ASP B 49 5.49 3.90 -18.03
C ASP B 49 4.94 5.33 -17.97
N ALA B 50 4.94 5.99 -19.13
CA ALA B 50 4.52 7.38 -19.19
C ALA B 50 3.04 7.51 -18.80
N PHE B 51 2.73 8.60 -18.09
CA PHE B 51 1.37 8.86 -17.64
C PHE B 51 1.14 10.37 -17.61
N TRP B 52 -0.12 10.74 -17.40
CA TRP B 52 -0.54 12.15 -17.31
C TRP B 52 -0.78 12.45 -15.84
N MET B 53 0.10 13.25 -15.24
CA MET B 53 -0.10 13.71 -13.87
C MET B 53 -0.56 15.16 -13.86
N ASP B 54 -1.52 15.45 -12.99
CA ASP B 54 -2.11 16.78 -12.91
C ASP B 54 -1.05 17.80 -12.52
N ARG B 55 -1.11 18.98 -13.14
CA ARG B 55 -0.08 19.99 -12.94
C ARG B 55 -0.01 20.43 -11.48
N THR B 56 -1.15 20.64 -10.85
CA THR B 56 -1.23 21.07 -9.46
C THR B 56 -2.11 20.12 -8.68
N GLU B 57 -2.21 20.37 -7.38
CA GLU B 57 -3.18 19.64 -6.58
C GLU B 57 -4.59 20.00 -6.99
N ILE B 58 -5.54 19.16 -6.60
CA ILE B 58 -6.94 19.48 -6.87
C ILE B 58 -7.34 20.66 -6.00
N THR B 59 -7.77 21.75 -6.64
CA THR B 59 -8.10 22.95 -5.91
C THR B 59 -9.53 22.88 -5.38
N ASN B 60 -9.89 23.86 -4.55
CA ASN B 60 -11.23 23.87 -3.96
C ASN B 60 -12.30 24.01 -5.03
N ALA B 61 -12.05 24.84 -6.05
CA ALA B 61 -13.03 24.98 -7.13
C ALA B 61 -13.20 23.69 -7.91
N GLN B 62 -12.11 22.97 -8.14
CA GLN B 62 -12.19 21.74 -8.93
C GLN B 62 -12.99 20.66 -8.23
N TYR B 63 -12.86 20.55 -6.91
CA TYR B 63 -13.70 19.63 -6.14
C TYR B 63 -15.11 20.17 -5.94
N ARG B 64 -15.27 21.48 -5.90
CA ARG B 64 -16.60 22.06 -5.82
C ARG B 64 -17.38 21.79 -7.08
N GLN B 65 -16.71 21.67 -8.22
CA GLN B 65 -17.38 21.23 -9.43
C GLN B 65 -17.97 19.84 -9.25
N PHE B 66 -17.22 18.94 -8.62
CA PHE B 66 -17.71 17.60 -8.30
C PHE B 66 -18.93 17.67 -7.40
N VAL B 67 -18.83 18.40 -6.29
CA VAL B 67 -19.93 18.44 -5.33
C VAL B 67 -21.15 19.09 -5.96
N TYR B 68 -20.94 20.06 -6.86
CA TYR B 68 -22.05 20.70 -7.55
C TYR B 68 -22.70 19.75 -8.54
N TYR B 69 -21.91 18.93 -9.24
CA TYR B 69 -22.50 17.93 -10.12
C TYR B 69 -23.36 16.94 -9.34
N VAL B 70 -22.84 16.48 -8.19
CA VAL B 70 -23.59 15.54 -7.37
C VAL B 70 -24.88 16.17 -6.87
N ARG B 71 -24.78 17.42 -6.40
CA ARG B 71 -25.95 18.17 -5.99
C ARG B 71 -26.98 18.26 -7.11
N ASP B 72 -26.51 18.73 -8.28
CA ASP B 72 -27.47 18.98 -9.40
C ASP B 72 -28.24 17.71 -9.70
N SER B 73 -27.55 16.58 -9.89
CA SER B 73 -28.25 15.35 -10.29
C SER B 73 -29.14 14.84 -9.14
N ILE B 74 -28.66 14.85 -7.89
CA ILE B 74 -29.57 14.48 -6.82
C ILE B 74 -30.83 15.35 -6.85
N ILE B 75 -30.67 16.66 -7.09
CA ILE B 75 -31.83 17.54 -7.16
C ILE B 75 -32.72 17.16 -8.34
N ARG B 76 -32.11 16.81 -9.47
CA ARG B 76 -32.90 16.38 -10.61
C ARG B 76 -33.65 15.09 -10.31
N GLU B 77 -33.01 14.16 -9.59
CA GLU B 77 -33.69 12.94 -9.18
C GLU B 77 -34.88 13.26 -8.28
N ARG B 78 -34.69 14.17 -7.31
CA ARG B 78 -35.78 14.55 -6.43
C ARG B 78 -36.93 15.19 -7.20
N LEU B 79 -36.59 16.03 -8.19
CA LEU B 79 -37.63 16.63 -9.03
C LEU B 79 -38.37 15.57 -9.82
N ALA B 80 -37.65 14.57 -10.32
CA ALA B 80 -38.29 13.47 -11.03
C ALA B 80 -38.98 12.52 -10.06
N ASP B 81 -38.54 12.49 -8.81
CA ASP B 81 -39.14 11.61 -7.81
C ASP B 81 -40.59 12.00 -7.59
N PRO B 82 -41.54 11.06 -7.71
CA PRO B 82 -42.95 11.41 -7.46
C PRO B 82 -43.21 11.94 -6.07
N ALA B 83 -42.41 11.52 -5.08
CA ALA B 83 -42.59 11.97 -3.71
C ALA B 83 -42.39 13.48 -3.59
N TYR B 84 -41.18 13.96 -3.89
CA TYR B 84 -40.91 15.39 -3.81
C TYR B 84 -41.61 16.14 -4.95
N GLY B 85 -41.27 15.80 -6.19
CA GLY B 85 -41.87 16.43 -7.34
C GLY B 85 -42.78 15.50 -8.12
N GLY B 86 -42.27 14.96 -9.22
CA GLY B 86 -43.05 14.09 -10.07
C GLY B 86 -43.25 14.68 -11.45
N ASN B 87 -42.35 15.58 -11.85
CA ASN B 87 -42.45 16.23 -13.15
C ASN B 87 -42.24 15.21 -14.28
N GLU B 88 -41.31 14.28 -14.09
CA GLU B 88 -40.99 13.22 -15.04
C GLU B 88 -40.32 13.75 -16.30
N GLU B 89 -40.16 15.07 -16.39
CA GLU B 89 -39.42 15.67 -17.50
C GLU B 89 -37.93 15.75 -17.22
N TYR B 90 -37.50 15.48 -15.99
CA TYR B 90 -36.09 15.42 -15.65
C TYR B 90 -35.52 14.00 -15.74
N LYS B 91 -36.36 13.00 -15.99
CA LYS B 91 -35.97 11.59 -16.01
C LYS B 91 -36.45 10.98 -17.32
N ILE B 92 -35.59 10.99 -18.33
CA ILE B 92 -35.90 10.36 -19.60
C ILE B 92 -35.92 8.85 -19.42
N THR B 93 -37.10 8.25 -19.46
CA THR B 93 -37.24 6.81 -19.33
C THR B 93 -37.65 6.13 -20.62
N GLU B 94 -38.04 6.89 -21.65
CA GLU B 94 -38.40 6.32 -22.93
C GLU B 94 -37.84 7.18 -24.06
N ASN B 95 -37.55 6.55 -25.20
CA ASN B 95 -36.86 7.20 -26.31
C ASN B 95 -37.88 7.96 -27.16
N LYS B 96 -37.38 8.79 -28.07
CA LYS B 96 -38.26 9.60 -28.90
C LYS B 96 -39.20 8.76 -29.77
N PHE B 97 -38.85 7.50 -30.03
CA PHE B 97 -39.73 6.60 -30.75
C PHE B 97 -40.75 5.91 -29.85
N GLY B 98 -40.60 6.03 -28.53
CA GLY B 98 -41.58 5.52 -27.60
C GLY B 98 -41.20 4.25 -26.86
N GLU B 99 -40.15 3.56 -27.30
CA GLU B 99 -39.77 2.31 -26.64
C GLU B 99 -39.12 2.61 -25.29
N PRO B 100 -39.30 1.75 -24.28
CA PRO B 100 -38.59 1.95 -23.01
C PRO B 100 -37.07 1.97 -23.18
N VAL B 101 -36.40 2.85 -22.46
CA VAL B 101 -34.95 2.94 -22.46
C VAL B 101 -34.48 3.02 -21.02
N THR B 102 -33.18 2.82 -20.81
CA THR B 102 -32.61 2.91 -19.48
C THR B 102 -32.84 4.31 -18.92
N PRO B 103 -33.48 4.44 -17.75
CA PRO B 103 -33.77 5.77 -17.21
C PRO B 103 -32.53 6.60 -16.94
N HIS B 104 -32.44 7.76 -17.58
CA HIS B 104 -31.31 8.67 -17.39
C HIS B 104 -31.86 10.07 -17.16
N LEU B 105 -31.00 10.93 -16.60
CA LEU B 105 -31.41 12.29 -16.27
C LEU B 105 -31.36 13.18 -17.49
N ASP B 106 -32.31 14.12 -17.55
CA ASP B 106 -32.40 15.08 -18.64
C ASP B 106 -31.63 16.33 -18.21
N TRP B 107 -30.34 16.35 -18.52
CA TRP B 107 -29.48 17.46 -18.13
C TRP B 107 -29.74 18.72 -18.93
N SER B 108 -30.52 18.63 -20.02
CA SER B 108 -30.91 19.82 -20.77
C SER B 108 -31.97 20.63 -20.03
N LYS B 109 -32.90 19.94 -19.39
CA LYS B 109 -33.95 20.59 -18.61
C LYS B 109 -33.33 21.31 -17.41
N PRO B 110 -33.37 22.64 -17.38
CA PRO B 110 -32.71 23.37 -16.28
C PRO B 110 -33.42 23.17 -14.95
N ILE B 111 -32.63 23.26 -13.88
CA ILE B 111 -33.17 23.26 -12.52
C ILE B 111 -33.80 24.62 -12.28
N PRO B 112 -35.03 24.69 -11.79
CA PRO B 112 -35.69 25.99 -11.58
C PRO B 112 -34.94 26.87 -10.58
N SER B 113 -34.96 28.18 -10.81
CA SER B 113 -34.37 29.10 -9.87
C SER B 113 -35.15 29.11 -8.56
N GLU B 114 -34.50 29.55 -7.49
CA GLU B 114 -35.09 29.54 -6.15
C GLU B 114 -36.40 30.33 -6.11
N LYS B 115 -36.54 31.33 -6.98
CA LYS B 115 -37.74 32.15 -7.00
C LYS B 115 -38.81 31.53 -7.88
N ARG B 116 -38.46 31.18 -9.12
CA ARG B 116 -39.45 30.69 -10.07
C ARG B 116 -39.94 29.29 -9.71
N ALA B 117 -39.19 28.57 -8.88
CA ALA B 117 -39.58 27.21 -8.50
C ALA B 117 -40.88 27.21 -7.72
N THR B 118 -41.76 26.27 -8.05
CA THR B 118 -43.01 26.10 -7.33
C THR B 118 -42.76 25.35 -6.02
N GLU B 119 -43.85 25.07 -5.30
CA GLU B 119 -43.74 24.42 -4.00
C GLU B 119 -43.07 23.06 -4.10
N GLU B 120 -43.46 22.27 -5.11
CA GLU B 120 -42.84 20.96 -5.30
C GLU B 120 -41.38 21.11 -5.68
N GLU B 121 -41.09 22.00 -6.62
CA GLU B 121 -39.70 22.20 -7.05
C GLU B 121 -38.84 22.76 -5.93
N ILE B 122 -39.37 23.74 -5.18
CA ILE B 122 -38.60 24.31 -4.08
C ILE B 122 -38.39 23.27 -2.98
N ALA B 123 -39.38 22.41 -2.76
CA ALA B 123 -39.23 21.32 -1.80
C ALA B 123 -38.14 20.36 -2.23
N ALA B 124 -38.12 20.02 -3.51
CA ALA B 124 -37.08 19.14 -4.03
C ALA B 124 -35.70 19.76 -3.89
N ILE B 125 -35.59 21.06 -4.18
CA ILE B 125 -34.30 21.73 -4.09
C ILE B 125 -33.83 21.80 -2.64
N ASN B 126 -34.72 22.18 -1.73
CA ASN B 126 -34.35 22.30 -0.31
C ASN B 126 -34.21 20.97 0.39
N SER B 127 -34.67 19.87 -0.21
CA SER B 127 -34.57 18.56 0.40
C SER B 127 -33.15 18.00 0.36
N VAL B 128 -32.20 18.75 -0.16
CA VAL B 128 -30.80 18.34 -0.20
C VAL B 128 -29.89 19.29 0.58
N TYR B 129 -30.38 20.48 0.92
CA TYR B 129 -29.65 21.45 1.71
C TYR B 129 -29.91 21.23 3.20
N TYR B 130 -29.08 21.85 4.01
CA TYR B 130 -29.24 21.83 5.46
C TYR B 130 -29.24 23.25 5.99
N THR B 131 -30.31 23.63 6.69
CA THR B 131 -30.41 24.94 7.31
C THR B 131 -30.13 24.78 8.79
N ASN B 132 -29.05 25.40 9.27
CA ASN B 132 -28.67 25.30 10.68
C ASN B 132 -29.75 25.95 11.55
N PRO B 133 -30.26 25.24 12.54
CA PRO B 133 -31.38 25.78 13.33
C PRO B 133 -31.07 27.09 14.04
N VAL B 134 -29.84 27.27 14.51
CA VAL B 134 -29.48 28.44 15.33
C VAL B 134 -28.86 29.55 14.49
N THR B 135 -27.93 29.20 13.61
CA THR B 135 -27.23 30.21 12.83
C THR B 135 -27.89 30.51 11.49
N HIS B 136 -28.86 29.70 11.07
CA HIS B 136 -29.55 29.87 9.80
C HIS B 136 -28.57 29.95 8.63
N ASP B 137 -27.65 28.99 8.61
CA ASP B 137 -26.65 28.87 7.54
C ASP B 137 -27.11 27.74 6.63
N ARG B 138 -27.66 28.09 5.48
CA ARG B 138 -28.17 27.11 4.53
C ARG B 138 -27.00 26.54 3.74
N LYS B 139 -26.57 25.33 4.09
CA LYS B 139 -25.42 24.67 3.51
C LYS B 139 -25.82 23.28 3.03
N LEU B 140 -25.06 22.77 2.05
CA LEU B 140 -25.32 21.44 1.50
C LEU B 140 -25.16 20.41 2.62
N ASN B 141 -26.14 19.52 2.75
CA ASN B 141 -26.13 18.52 3.81
C ASN B 141 -25.01 17.52 3.53
N PRO B 142 -24.02 17.41 4.42
CA PRO B 142 -22.85 16.57 4.13
C PRO B 142 -23.16 15.10 3.90
N ASP B 143 -24.16 14.55 4.57
CA ASP B 143 -24.50 13.13 4.42
C ASP B 143 -25.46 12.88 3.27
N GLN B 144 -25.81 13.90 2.50
CA GLN B 144 -26.59 13.74 1.29
C GLN B 144 -25.77 13.98 0.02
N MET B 145 -24.59 14.58 0.13
CA MET B 145 -23.65 14.67 -0.98
C MET B 145 -22.95 13.31 -1.12
N VAL B 146 -23.70 12.34 -1.65
CA VAL B 146 -23.18 11.00 -1.87
C VAL B 146 -23.06 10.76 -3.37
N TYR B 147 -21.98 10.11 -3.77
CA TYR B 147 -21.73 9.77 -5.17
C TYR B 147 -21.83 8.26 -5.33
N ARG B 148 -22.70 7.82 -6.24
CA ARG B 148 -22.83 6.41 -6.57
C ARG B 148 -22.10 6.14 -7.86
N TYR B 149 -21.02 5.35 -7.80
CA TYR B 149 -20.23 5.01 -8.96
C TYR B 149 -19.83 3.55 -8.90
N GLU B 150 -19.50 3.01 -10.06
CA GLU B 150 -19.15 1.60 -10.21
C GLU B 150 -17.73 1.48 -10.77
N VAL B 151 -17.00 0.50 -10.25
CA VAL B 151 -15.66 0.20 -10.72
C VAL B 151 -15.57 -1.27 -11.07
N TYR B 152 -15.20 -1.58 -12.31
CA TYR B 152 -14.98 -2.94 -12.73
C TYR B 152 -13.50 -3.28 -12.57
N ASP B 153 -13.23 -4.35 -11.82
CA ASP B 153 -11.86 -4.75 -11.52
C ASP B 153 -11.31 -5.49 -12.73
N TYR B 154 -10.75 -4.74 -13.67
CA TYR B 154 -10.12 -5.35 -14.83
C TYR B 154 -8.93 -6.19 -14.41
N ARG B 155 -8.18 -5.75 -13.40
CA ARG B 155 -7.04 -6.51 -12.91
C ARG B 155 -7.48 -7.88 -12.41
N SER B 156 -8.45 -7.92 -11.50
CA SER B 156 -8.85 -9.18 -10.90
C SER B 156 -9.59 -10.08 -11.88
N ALA B 157 -10.19 -9.51 -12.92
CA ALA B 157 -10.83 -10.31 -13.96
C ALA B 157 -9.83 -11.01 -14.85
N ALA B 158 -8.54 -10.70 -14.73
CA ALA B 158 -7.51 -11.22 -15.62
C ALA B 158 -6.62 -12.28 -14.98
N LEU B 159 -6.67 -12.44 -13.66
CA LEU B 159 -5.86 -13.48 -13.02
C LEU B 159 -6.25 -14.87 -13.52
N ARG B 160 -5.25 -15.75 -13.58
CA ARG B 160 -5.47 -17.11 -14.06
C ARG B 160 -6.46 -17.85 -13.17
N GLU B 161 -6.34 -17.66 -11.85
CA GLU B 161 -7.22 -18.36 -10.93
C GLU B 161 -8.62 -17.75 -10.87
N HIS B 162 -8.83 -16.60 -11.51
CA HIS B 162 -10.14 -15.95 -11.54
C HIS B 162 -10.79 -16.09 -12.91
N GLN B 163 -10.50 -17.18 -13.61
CA GLN B 163 -11.10 -17.45 -14.91
C GLN B 163 -12.49 -18.06 -14.70
N LEU B 164 -13.45 -17.61 -15.50
CA LEU B 164 -14.81 -18.11 -15.37
C LEU B 164 -14.88 -19.60 -15.68
N LYS B 165 -14.19 -20.04 -16.72
CA LYS B 165 -14.11 -21.46 -17.05
C LYS B 165 -13.14 -22.15 -16.11
N ALA B 166 -13.61 -23.18 -15.42
CA ALA B 166 -12.76 -23.92 -14.48
C ALA B 166 -11.59 -24.58 -15.17
N ALA B 167 -11.77 -25.06 -16.41
CA ALA B 167 -10.68 -25.73 -17.10
C ALA B 167 -9.55 -24.77 -17.44
N LYS B 168 -9.85 -23.48 -17.58
CA LYS B 168 -8.85 -22.48 -17.95
C LYS B 168 -8.12 -21.90 -16.75
N ARG B 169 -8.43 -22.34 -15.53
CA ARG B 169 -7.78 -21.81 -14.34
C ARG B 169 -6.39 -22.39 -14.11
N ASN B 170 -6.02 -23.44 -14.81
CA ASN B 170 -4.69 -24.02 -14.68
C ASN B 170 -4.23 -24.51 -16.04
N LEU B 171 -3.15 -23.93 -16.55
CA LEU B 171 -2.58 -24.32 -17.82
C LEU B 171 -1.70 -25.56 -17.73
N ASN B 172 -1.45 -26.05 -16.51
CA ASN B 172 -0.69 -27.28 -16.33
C ASN B 172 -1.57 -28.48 -16.69
N THR B 173 -1.10 -29.30 -17.63
CA THR B 173 -1.88 -30.45 -18.08
C THR B 173 -1.85 -31.60 -17.08
N ASP B 174 -0.88 -31.60 -16.17
CA ASP B 174 -0.77 -32.68 -15.15
C ASP B 174 -1.77 -32.40 -14.02
N ILE B 175 -2.17 -31.13 -13.87
CA ILE B 175 -3.09 -30.75 -12.75
C ILE B 175 -4.55 -30.86 -13.23
N LYS B 176 -5.31 -31.80 -12.67
CA LYS B 176 -6.75 -31.95 -13.03
C LYS B 176 -7.58 -31.04 -12.13
N VAL B 177 -8.20 -30.00 -12.70
CA VAL B 177 -8.97 -29.01 -11.89
C VAL B 177 -10.33 -29.61 -11.54
N ASP B 178 -10.64 -29.71 -10.24
CA ASP B 178 -11.97 -30.25 -9.80
C ASP B 178 -13.07 -29.51 -10.56
N PRO B 179 -14.06 -30.21 -11.16
CA PRO B 179 -15.06 -29.51 -11.97
C PRO B 179 -15.83 -28.46 -11.22
N ASN B 180 -15.99 -28.66 -9.91
CA ASN B 180 -16.92 -27.85 -9.08
C ASN B 180 -16.15 -27.13 -7.97
N ALA B 181 -14.81 -27.08 -8.05
CA ALA B 181 -14.00 -26.36 -7.05
C ALA B 181 -14.50 -24.92 -6.91
N VAL B 182 -14.66 -24.42 -5.68
CA VAL B 182 -15.23 -23.07 -5.53
C VAL B 182 -14.09 -22.10 -5.36
N VAL B 183 -14.14 -21.03 -6.12
CA VAL B 183 -13.19 -19.92 -5.96
C VAL B 183 -13.94 -18.76 -5.31
N MET B 184 -13.77 -18.59 -4.01
CA MET B 184 -14.45 -17.53 -3.26
C MET B 184 -13.72 -16.22 -3.51
N ILE B 185 -14.46 -15.22 -3.98
CA ILE B 185 -13.92 -13.90 -4.22
C ILE B 185 -14.85 -12.87 -3.59
N SER B 186 -14.31 -11.68 -3.33
CA SER B 186 -15.11 -10.63 -2.68
C SER B 186 -15.39 -9.49 -3.66
N LYS B 187 -16.50 -8.79 -3.47
CA LYS B 187 -16.87 -7.65 -4.33
C LYS B 187 -17.53 -6.62 -3.41
N ASP B 188 -17.19 -5.35 -3.56
CA ASP B 188 -17.71 -4.30 -2.64
C ASP B 188 -18.97 -3.69 -3.27
N THR B 189 -20.10 -3.80 -2.59
CA THR B 189 -21.36 -3.26 -3.13
C THR B 189 -21.89 -2.20 -2.21
N ALA B 190 -22.86 -1.42 -2.68
CA ALA B 190 -23.50 -0.37 -1.83
C ALA B 190 -24.89 -0.10 -2.39
N PHE B 191 -25.90 -0.07 -1.52
CA PHE B 191 -27.29 0.13 -2.01
C PHE B 191 -28.05 1.01 -1.03
N VAL B 192 -28.87 1.93 -1.57
CA VAL B 192 -29.67 2.83 -0.69
C VAL B 192 -30.93 2.08 -0.23
N ASP B 193 -31.10 1.89 1.08
CA ASP B 193 -32.26 1.23 1.63
C ASP B 193 -33.49 2.14 1.56
N GLU B 194 -34.64 1.59 1.94
CA GLU B 194 -35.88 2.34 1.94
C GLU B 194 -35.82 3.54 2.90
N SER B 195 -35.10 3.38 4.01
CA SER B 195 -34.94 4.47 4.96
C SER B 195 -34.13 5.61 4.36
N GLY B 196 -33.08 5.28 3.60
CA GLY B 196 -32.21 6.29 3.04
C GLY B 196 -30.82 6.22 3.61
N ASN B 197 -30.47 5.07 4.19
CA ASN B 197 -29.16 4.85 4.79
C ASN B 197 -28.27 4.10 3.80
N ILE B 198 -27.03 4.56 3.66
CA ILE B 198 -26.11 3.94 2.74
C ILE B 198 -25.64 2.62 3.32
N ILE B 199 -25.91 1.53 2.61
CA ILE B 199 -25.57 0.18 3.06
C ILE B 199 -24.46 -0.34 2.18
N SER B 200 -23.23 -0.32 2.69
CA SER B 200 -22.08 -0.87 1.98
C SER B 200 -21.79 -2.28 2.50
N GLU B 201 -21.45 -3.17 1.58
CA GLU B 201 -21.19 -4.56 1.94
C GLU B 201 -20.03 -5.08 1.09
N THR B 202 -19.42 -6.18 1.57
CA THR B 202 -18.39 -6.86 0.76
C THR B 202 -18.93 -8.26 0.55
N ILE B 203 -19.47 -8.54 -0.63
CA ILE B 203 -20.13 -9.84 -0.87
C ILE B 203 -19.06 -10.90 -1.20
N THR B 204 -18.89 -11.88 -0.33
CA THR B 204 -17.98 -13.00 -0.66
C THR B 204 -18.87 -14.12 -1.16
N ARG B 205 -18.55 -14.66 -2.33
CA ARG B 205 -19.36 -15.68 -2.97
C ARG B 205 -18.50 -16.39 -4.01
N PRO B 206 -18.85 -17.63 -4.38
CA PRO B 206 -18.06 -18.33 -5.39
C PRO B 206 -18.12 -17.62 -6.74
N LEU B 207 -17.01 -17.71 -7.48
CA LEU B 207 -16.91 -17.10 -8.80
C LEU B 207 -17.96 -17.66 -9.73
N SER B 208 -18.91 -16.81 -10.13
CA SER B 208 -20.02 -17.24 -10.98
C SER B 208 -20.03 -16.54 -12.33
N SER B 209 -19.98 -15.21 -12.35
CA SER B 209 -20.12 -14.45 -13.59
C SER B 209 -19.23 -13.22 -13.52
N GLU B 210 -19.27 -12.39 -14.56
CA GLU B 210 -18.53 -11.14 -14.59
C GLU B 210 -19.06 -10.11 -13.60
N TYR B 211 -20.27 -10.31 -13.07
CA TYR B 211 -20.85 -9.43 -12.07
C TYR B 211 -20.17 -9.55 -10.72
N ASP B 212 -19.12 -10.37 -10.62
CA ASP B 212 -18.37 -10.52 -9.38
C ASP B 212 -17.11 -9.67 -9.32
N PHE B 213 -16.69 -9.09 -10.45
CA PHE B 213 -15.56 -8.16 -10.47
C PHE B 213 -16.02 -6.71 -10.53
N LEU B 214 -17.32 -6.46 -10.38
CA LEU B 214 -17.87 -5.10 -10.41
C LEU B 214 -18.03 -4.61 -8.97
N ASN B 215 -17.30 -3.56 -8.62
CA ASN B 215 -17.35 -3.03 -7.23
C ASN B 215 -18.19 -1.74 -7.23
N THR B 216 -19.32 -1.72 -6.53
CA THR B 216 -20.20 -0.53 -6.52
C THR B 216 -20.02 0.20 -5.22
N TYR B 217 -19.85 1.51 -5.28
CA TYR B 217 -19.59 2.29 -4.05
C TYR B 217 -20.47 3.51 -4.01
N ILE B 218 -21.04 3.83 -2.85
CA ILE B 218 -21.82 5.05 -2.66
C ILE B 218 -21.14 5.81 -1.54
N VAL B 219 -20.33 6.79 -1.90
CA VAL B 219 -19.44 7.48 -0.97
C VAL B 219 -19.97 8.90 -0.76
N PRO B 220 -20.20 9.34 0.48
CA PRO B 220 -20.40 10.77 0.73
C PRO B 220 -19.12 11.52 0.38
N ILE B 221 -19.27 12.63 -0.35
CA ILE B 221 -18.13 13.29 -0.97
C ILE B 221 -17.92 14.70 -0.43
N TYR B 222 -18.79 15.19 0.43
CA TYR B 222 -18.55 16.55 0.88
C TYR B 222 -17.29 16.60 1.75
N PRO B 223 -16.41 17.57 1.53
CA PRO B 223 -15.14 17.60 2.26
C PRO B 223 -15.38 17.75 3.76
N ASP B 224 -14.53 17.08 4.54
CA ASP B 224 -14.62 17.15 5.99
C ASP B 224 -14.01 18.47 6.44
N GLU B 225 -14.82 19.53 6.44
CA GLU B 225 -14.35 20.84 6.82
C GLU B 225 -13.95 20.94 8.29
N THR B 226 -14.34 19.96 9.10
CA THR B 226 -13.99 19.95 10.53
C THR B 226 -12.61 19.38 10.80
N CYS B 227 -11.88 18.98 9.76
CA CYS B 227 -10.51 18.51 9.95
C CYS B 227 -9.63 19.62 10.51
N TRP B 228 -9.85 20.86 10.06
CA TRP B 228 -9.10 22.01 10.55
C TRP B 228 -9.20 22.11 12.06
N VAL B 229 -10.36 21.78 12.62
CA VAL B 229 -10.56 21.82 14.06
C VAL B 229 -10.03 20.57 14.74
N ASN B 230 -10.31 19.40 14.16
CA ASN B 230 -9.95 18.14 14.82
C ASN B 230 -8.45 17.92 14.82
N ASP B 231 -7.77 18.28 13.73
CA ASP B 231 -6.35 17.96 13.62
C ASP B 231 -5.49 18.80 14.55
N PHE B 232 -5.97 19.97 14.96
CA PHE B 232 -5.19 20.91 15.77
C PHE B 232 -5.99 21.32 17.00
N PRO B 233 -5.93 20.54 18.07
CA PRO B 233 -6.54 20.96 19.33
C PRO B 233 -5.82 22.18 19.91
N ASN B 234 -6.59 22.99 20.63
CA ASN B 234 -6.10 24.21 21.25
C ASN B 234 -5.45 25.13 20.21
N ALA B 235 -6.26 25.54 19.24
CA ALA B 235 -5.80 26.40 18.16
C ALA B 235 -6.99 27.16 17.59
N ARG B 236 -6.69 28.30 16.97
CA ARG B 236 -7.70 29.12 16.32
C ARG B 236 -7.80 28.73 14.85
N THR B 237 -8.33 27.53 14.62
CA THR B 237 -8.56 27.04 13.27
C THR B 237 -10.05 26.96 12.96
N GLU B 238 -10.89 27.63 13.76
CA GLU B 238 -12.31 27.70 13.52
C GLU B 238 -12.65 28.43 12.23
N ILE B 239 -11.77 29.31 11.77
CA ILE B 239 -12.09 30.14 10.62
C ILE B 239 -11.89 29.38 9.30
N TYR B 240 -10.87 28.52 9.22
CA TYR B 240 -10.66 27.76 8.00
C TYR B 240 -11.75 26.71 7.79
N THR B 241 -12.35 26.23 8.88
CA THR B 241 -13.52 25.37 8.74
C THR B 241 -14.66 26.10 8.04
N ARG B 242 -14.84 27.38 8.39
CA ARG B 242 -15.92 28.17 7.82
C ARG B 242 -15.51 28.92 6.56
N MET B 243 -14.24 28.87 6.17
CA MET B 243 -13.76 29.64 5.03
C MET B 243 -13.16 28.80 3.91
N TYR B 244 -12.36 27.78 4.22
CA TYR B 244 -11.49 27.16 3.23
C TYR B 244 -12.23 26.63 2.02
N PHE B 245 -13.28 25.85 2.24
CA PHE B 245 -14.03 25.29 1.11
C PHE B 245 -15.14 26.21 0.63
N ASN B 246 -15.41 27.32 1.32
CA ASN B 246 -16.53 28.17 1.00
C ASN B 246 -16.11 29.54 0.46
N HIS B 247 -15.04 30.11 0.98
CA HIS B 247 -14.66 31.46 0.59
C HIS B 247 -14.22 31.49 -0.86
N PRO B 248 -14.64 32.50 -1.63
CA PRO B 248 -14.18 32.62 -3.03
C PRO B 248 -12.69 32.88 -3.17
N GLY B 249 -12.02 33.39 -2.14
CA GLY B 249 -10.60 33.62 -2.21
C GLY B 249 -9.83 32.32 -2.12
N TYR B 250 -10.40 31.35 -1.42
CA TYR B 250 -9.81 30.02 -1.30
C TYR B 250 -10.34 29.06 -2.36
N ASP B 251 -10.28 29.44 -3.64
CA ASP B 251 -10.68 28.51 -4.69
C ASP B 251 -9.49 27.82 -5.33
N ASP B 252 -8.43 28.57 -5.62
CA ASP B 252 -7.23 27.99 -6.22
C ASP B 252 -6.37 27.26 -5.19
N TYR B 253 -6.68 27.38 -3.91
CA TYR B 253 -5.94 26.64 -2.90
C TYR B 253 -6.27 25.16 -2.99
N PRO B 254 -5.32 24.29 -2.66
CA PRO B 254 -5.58 22.85 -2.73
C PRO B 254 -6.68 22.43 -1.76
N VAL B 255 -7.49 21.46 -2.18
CA VAL B 255 -8.59 21.02 -1.35
C VAL B 255 -8.05 20.13 -0.22
N VAL B 256 -8.61 20.30 0.97
CA VAL B 256 -8.19 19.54 2.14
C VAL B 256 -9.41 18.86 2.74
N GLY B 257 -9.17 17.86 3.56
CA GLY B 257 -10.24 17.08 4.16
C GLY B 257 -10.79 15.98 3.29
N ILE B 258 -10.17 15.72 2.14
CA ILE B 258 -10.63 14.69 1.22
C ILE B 258 -10.00 13.36 1.59
N SER B 259 -10.84 12.39 1.95
CA SER B 259 -10.34 11.06 2.28
C SER B 259 -10.00 10.29 1.02
N TRP B 260 -9.36 9.14 1.22
CA TRP B 260 -8.95 8.30 0.09
C TRP B 260 -10.16 7.84 -0.71
N GLU B 261 -11.23 7.45 -0.02
CA GLU B 261 -12.45 7.03 -0.70
C GLU B 261 -13.04 8.18 -1.50
N GLN B 262 -13.08 9.37 -0.90
CA GLN B 262 -13.59 10.54 -1.61
C GLN B 262 -12.69 10.93 -2.78
N ALA B 263 -11.37 10.77 -2.64
CA ALA B 263 -10.46 11.02 -3.76
C ALA B 263 -10.70 10.06 -4.90
N GLN B 264 -10.91 8.77 -4.59
CA GLN B 264 -11.22 7.80 -5.62
C GLN B 264 -12.54 8.13 -6.30
N ALA B 265 -13.54 8.54 -5.52
CA ALA B 265 -14.82 8.94 -6.09
C ALA B 265 -14.65 10.14 -7.02
N PHE B 266 -13.83 11.11 -6.61
CA PHE B 266 -13.59 12.28 -7.46
C PHE B 266 -12.92 11.88 -8.76
N CYS B 267 -11.89 11.05 -8.68
CA CYS B 267 -11.19 10.62 -9.89
C CYS B 267 -12.11 9.84 -10.83
N ALA B 268 -12.97 8.97 -10.28
CA ALA B 268 -13.92 8.24 -11.10
C ALA B 268 -14.96 9.15 -11.74
N TRP B 269 -15.46 10.13 -10.99
CA TRP B 269 -16.37 11.12 -11.58
C TRP B 269 -15.68 11.89 -12.69
N ARG B 270 -14.42 12.26 -12.48
CA ARG B 270 -13.67 12.96 -13.53
C ARG B 270 -13.54 12.09 -14.77
N SER B 271 -13.28 10.79 -14.58
CA SER B 271 -13.18 9.87 -15.71
C SER B 271 -14.47 9.84 -16.50
N GLU B 272 -15.60 9.61 -15.82
CA GLU B 272 -16.86 9.45 -16.54
C GLU B 272 -17.33 10.78 -17.13
N PHE B 273 -17.00 11.89 -16.47
CA PHE B 273 -17.34 13.21 -16.99
C PHE B 273 -16.54 13.52 -18.25
N PHE B 274 -15.26 13.12 -18.26
CA PHE B 274 -14.44 13.26 -19.47
C PHE B 274 -15.00 12.41 -20.60
N ARG B 275 -15.40 11.18 -20.29
CA ARG B 275 -15.99 10.31 -21.31
C ARG B 275 -17.26 10.91 -21.90
N LYS B 276 -18.08 11.52 -21.04
CA LYS B 276 -19.32 12.14 -21.51
C LYS B 276 -19.05 13.31 -22.45
N GLY B 277 -17.87 13.90 -22.37
CA GLY B 277 -17.59 15.09 -23.15
C GLY B 277 -16.69 14.89 -24.36
N ILE B 278 -16.30 13.65 -24.63
CA ILE B 278 -15.42 13.32 -25.74
C ILE B 278 -16.06 12.21 -26.54
N ARG B 279 -16.15 12.41 -27.87
CA ARG B 279 -16.63 11.35 -28.74
C ARG B 279 -15.55 10.30 -28.95
N LEU B 280 -15.94 9.03 -28.89
CA LEU B 280 -14.99 7.93 -28.97
C LEU B 280 -15.05 7.31 -30.36
N PRO B 281 -13.94 7.31 -31.11
CA PRO B 281 -13.91 6.52 -32.35
C PRO B 281 -14.17 5.05 -32.06
N GLU B 282 -14.81 4.35 -32.99
CA GLU B 282 -15.27 2.98 -32.75
C GLU B 282 -14.16 2.10 -32.19
N GLY B 283 -14.43 1.45 -31.07
CA GLY B 283 -13.47 0.60 -30.40
C GLY B 283 -12.58 1.29 -29.38
N GLN B 284 -12.67 2.62 -29.26
CA GLN B 284 -11.83 3.38 -28.34
C GLN B 284 -11.89 2.85 -26.91
N ILE B 285 -10.73 2.47 -26.39
CA ILE B 285 -10.59 2.05 -25.00
C ILE B 285 -9.81 3.15 -24.30
N MET B 286 -10.54 4.09 -23.70
CA MET B 286 -9.91 5.20 -23.01
C MET B 286 -9.70 4.84 -21.53
N ASP B 287 -8.56 5.24 -21.00
CA ASP B 287 -8.25 4.97 -19.60
C ASP B 287 -9.03 5.89 -18.69
N ASP B 288 -8.87 5.74 -17.38
CA ASP B 288 -9.65 6.50 -16.41
C ASP B 288 -8.73 7.32 -15.54
N PHE B 289 -9.19 8.51 -15.15
CA PHE B 289 -8.46 9.30 -14.17
C PHE B 289 -8.38 8.53 -12.87
N ARG B 290 -7.16 8.35 -12.36
CA ARG B 290 -6.92 7.52 -11.21
C ARG B 290 -5.98 8.23 -10.24
N LEU B 291 -6.01 7.80 -9.01
CA LEU B 291 -5.08 8.30 -8.02
C LEU B 291 -3.70 7.73 -8.31
N PRO B 292 -2.66 8.57 -8.29
CA PRO B 292 -1.33 8.10 -8.67
C PRO B 292 -0.83 7.04 -7.71
N THR B 293 -0.05 6.12 -8.26
CA THR B 293 0.61 5.12 -7.43
C THR B 293 1.77 5.76 -6.69
N GLU B 294 2.22 5.09 -5.64
CA GLU B 294 3.36 5.58 -4.88
C GLU B 294 4.61 5.71 -5.75
N ALA B 295 4.87 4.69 -6.56
CA ALA B 295 6.05 4.70 -7.41
C ALA B 295 5.94 5.79 -8.48
N GLU B 296 4.78 5.93 -9.10
CA GLU B 296 4.59 6.98 -10.11
C GLU B 296 4.74 8.36 -9.48
N TRP B 297 4.17 8.54 -8.29
CA TRP B 297 4.28 9.81 -7.60
C TRP B 297 5.74 10.16 -7.33
N GLU B 298 6.49 9.20 -6.78
CA GLU B 298 7.89 9.48 -6.45
C GLU B 298 8.72 9.73 -7.71
N TYR B 299 8.46 8.98 -8.77
CA TYR B 299 9.16 9.19 -10.04
C TYR B 299 8.92 10.60 -10.56
N ALA B 300 7.66 11.01 -10.65
CA ALA B 300 7.36 12.32 -11.21
C ALA B 300 7.81 13.44 -10.28
N ALA B 301 7.89 13.16 -8.98
CA ALA B 301 8.32 14.19 -8.02
C ALA B 301 9.80 14.52 -8.20
N ARG B 302 10.64 13.50 -8.25
CA ARG B 302 12.08 13.68 -8.36
C ARG B 302 12.55 13.88 -9.79
N MET B 303 11.62 14.10 -10.73
CA MET B 303 11.93 14.40 -12.13
C MET B 303 12.73 13.26 -12.76
N GLY B 304 12.44 12.04 -12.31
CA GLY B 304 13.12 10.88 -12.88
C GLY B 304 14.51 10.63 -12.36
N ASP B 305 15.30 11.69 -12.19
CA ASP B 305 16.67 11.54 -11.70
C ASP B 305 16.66 10.97 -10.29
N SER B 306 17.48 9.95 -10.06
CA SER B 306 17.61 9.34 -8.75
C SER B 306 18.52 10.12 -7.81
N ASN B 307 19.20 11.15 -8.31
CA ASN B 307 20.08 11.98 -7.50
C ASN B 307 19.34 13.06 -6.74
N ASN B 308 18.04 13.21 -6.94
CA ASN B 308 17.26 14.30 -6.38
C ASN B 308 16.55 13.82 -5.12
N LYS B 309 16.89 14.42 -3.98
CA LYS B 309 16.15 14.20 -2.76
C LYS B 309 14.83 14.96 -2.71
N TYR B 310 14.72 16.03 -3.48
CA TYR B 310 13.59 16.94 -3.46
C TYR B 310 13.09 17.14 -4.88
N PRO B 311 11.92 17.77 -5.04
CA PRO B 311 11.43 18.08 -6.39
C PRO B 311 12.15 19.22 -7.07
N TRP B 312 13.28 19.65 -6.52
CA TRP B 312 14.11 20.67 -7.15
C TRP B 312 15.52 20.12 -7.35
N SER B 313 16.25 20.77 -8.27
CA SER B 313 17.51 20.21 -8.75
C SER B 313 18.55 20.08 -7.63
N THR B 314 18.70 21.10 -6.80
CA THR B 314 19.72 21.07 -5.76
C THR B 314 19.23 20.27 -4.55
N GLU B 315 20.07 20.20 -3.54
CA GLU B 315 19.71 19.56 -2.28
C GLU B 315 19.27 20.57 -1.23
N ASP B 316 19.62 21.84 -1.40
CA ASP B 316 19.20 22.88 -0.48
C ASP B 316 17.69 23.09 -0.56
N LEU B 317 17.12 23.53 0.56
CA LEU B 317 15.70 23.80 0.67
C LEU B 317 15.36 25.25 0.36
N ARG B 318 16.33 26.03 -0.05
CA ARG B 318 16.17 27.48 -0.19
C ARG B 318 17.06 27.96 -1.33
N THR B 319 16.54 28.91 -2.10
CA THR B 319 17.27 29.44 -3.24
C THR B 319 18.48 30.24 -2.76
N GLY B 320 19.30 30.72 -3.69
CA GLY B 320 20.43 31.54 -3.35
C GLY B 320 20.08 32.93 -2.90
N ARG B 321 18.83 33.36 -3.11
CA ARG B 321 18.36 34.66 -2.64
C ARG B 321 17.66 34.60 -1.29
N GLY B 322 17.47 33.41 -0.74
CA GLY B 322 16.79 33.25 0.52
C GLY B 322 15.33 32.87 0.44
N CYS B 323 14.83 32.48 -0.72
CA CYS B 323 13.42 32.13 -0.89
C CYS B 323 13.27 30.61 -0.88
N PHE B 324 12.33 30.12 -0.08
CA PHE B 324 12.11 28.68 0.03
C PHE B 324 11.49 28.14 -1.26
N LEU B 325 11.70 26.85 -1.48
CA LEU B 325 11.23 26.18 -2.70
C LEU B 325 9.94 25.40 -2.48
N GLY B 326 9.34 25.48 -1.29
CA GLY B 326 8.13 24.76 -1.02
C GLY B 326 7.42 25.32 0.19
N ASN B 327 6.18 24.88 0.38
CA ASN B 327 5.33 25.32 1.48
C ASN B 327 5.33 24.24 2.54
N PHE B 328 6.22 24.40 3.53
CA PHE B 328 6.35 23.42 4.61
C PHE B 328 6.61 24.14 5.92
N LYS B 329 7.09 23.42 6.92
CA LYS B 329 7.46 24.01 8.21
C LYS B 329 8.98 24.13 8.32
N PRO B 330 9.57 25.25 7.90
CA PRO B 330 11.03 25.37 7.93
C PRO B 330 11.62 25.27 9.33
N GLY B 331 11.08 26.06 10.26
CA GLY B 331 11.65 26.11 11.60
C GLY B 331 10.69 25.68 12.69
N GLU B 332 11.18 25.60 13.92
CA GLU B 332 10.34 25.22 15.05
C GLU B 332 9.24 26.27 15.22
N GLY B 333 7.99 25.82 15.18
CA GLY B 333 6.87 26.75 15.27
C GLY B 333 6.91 27.83 14.22
N ASP B 334 7.46 27.54 13.05
CA ASP B 334 7.74 28.55 12.04
C ASP B 334 7.15 28.13 10.70
N TYR B 335 5.87 27.73 10.72
CA TYR B 335 5.20 27.30 9.50
C TYR B 335 5.22 28.36 8.41
N THR B 336 5.34 29.63 8.78
CA THR B 336 5.21 30.74 7.84
C THR B 336 6.54 31.44 7.59
N ALA B 337 7.65 30.71 7.77
CA ALA B 337 8.94 31.20 7.34
C ALA B 337 9.09 31.16 5.82
N ASP B 338 8.29 30.36 5.14
CA ASP B 338 8.24 30.30 3.69
C ASP B 338 7.18 31.22 3.10
N GLY B 339 6.53 32.04 3.93
CA GLY B 339 5.53 32.98 3.47
C GLY B 339 4.10 32.51 3.63
N HIS B 340 3.86 31.24 3.94
CA HIS B 340 2.51 30.72 4.04
C HIS B 340 2.38 29.85 5.28
N LEU B 341 1.36 30.13 6.09
CA LEU B 341 1.08 29.33 7.29
C LEU B 341 0.30 28.08 6.91
N ILE B 342 -0.91 28.26 6.38
CA ILE B 342 -1.75 27.16 5.91
C ILE B 342 -1.41 26.96 4.43
N PRO B 343 -2.04 26.00 3.71
CA PRO B 343 -1.72 25.85 2.28
C PRO B 343 -1.82 27.14 1.49
N SER B 344 -1.08 27.22 0.40
CA SER B 344 -1.02 28.42 -0.42
C SER B 344 -1.68 28.16 -1.77
N ARG B 345 -1.91 29.24 -2.52
CA ARG B 345 -2.42 29.14 -3.88
C ARG B 345 -1.55 28.19 -4.69
N VAL B 346 -2.17 27.28 -5.43
CA VAL B 346 -1.41 26.37 -6.28
C VAL B 346 -0.64 27.19 -7.30
N SER B 347 0.50 26.65 -7.76
CA SER B 347 1.38 27.35 -8.70
C SER B 347 1.90 28.65 -8.09
N SER B 348 2.39 28.56 -6.86
CA SER B 348 3.00 29.70 -6.18
C SER B 348 4.52 29.59 -6.05
N PHE B 349 5.08 28.41 -6.17
CA PHE B 349 6.51 28.20 -6.19
C PHE B 349 6.94 27.70 -7.58
N SER B 350 8.22 27.44 -7.75
CA SER B 350 8.71 26.95 -9.03
C SER B 350 8.35 25.48 -9.22
N PRO B 351 8.07 25.07 -10.44
CA PRO B 351 7.71 23.69 -10.72
C PRO B 351 8.95 22.82 -10.92
N ASN B 352 8.71 21.55 -11.26
CA ASN B 352 9.78 20.63 -11.60
C ASN B 352 10.33 20.92 -12.99
N ASP B 353 11.29 20.10 -13.43
CA ASP B 353 11.65 20.09 -14.84
C ASP B 353 10.52 19.49 -15.67
N PHE B 354 9.75 18.58 -15.07
CA PHE B 354 8.54 18.09 -15.71
C PHE B 354 7.47 19.16 -15.84
N GLY B 355 7.33 20.02 -14.83
CA GLY B 355 6.31 21.05 -14.81
C GLY B 355 5.29 20.91 -13.71
N LEU B 356 5.51 20.02 -12.74
CA LEU B 356 4.55 19.80 -11.67
C LEU B 356 4.72 20.86 -10.58
N TYR B 357 3.61 21.35 -10.06
CA TYR B 357 3.60 22.45 -9.09
C TYR B 357 3.28 21.92 -7.71
N ASP B 358 3.88 22.57 -6.70
CA ASP B 358 3.66 22.23 -5.29
C ASP B 358 3.85 20.74 -5.05
N MET B 359 4.86 20.18 -5.70
CA MET B 359 5.05 18.74 -5.72
C MET B 359 5.49 18.19 -4.36
N ALA B 360 6.01 19.06 -3.48
CA ALA B 360 6.37 18.71 -2.11
C ALA B 360 6.15 19.97 -1.27
N GLY B 361 4.96 20.04 -0.66
CA GLY B 361 4.58 21.23 0.12
C GLY B 361 3.07 21.40 0.09
N ASN B 362 2.56 22.54 0.58
CA ASN B 362 1.09 22.81 0.57
C ASN B 362 0.35 21.67 1.27
N VAL B 363 -0.13 20.68 0.51
CA VAL B 363 -0.82 19.54 1.08
C VAL B 363 -0.12 18.28 0.66
N ALA B 364 -0.09 17.29 1.56
CA ALA B 364 0.33 15.96 1.16
C ALA B 364 -0.69 15.38 0.18
N GLU B 365 -0.25 14.40 -0.59
CA GLU B 365 -1.03 13.91 -1.72
C GLU B 365 -1.35 12.44 -1.55
N TRP B 366 -2.63 12.11 -1.66
CA TRP B 366 -3.09 10.73 -1.61
C TRP B 366 -2.49 9.93 -2.77
N THR B 367 -2.08 8.71 -2.48
CA THR B 367 -1.68 7.76 -3.50
C THR B 367 -2.63 6.56 -3.46
N SER B 368 -2.61 5.76 -4.54
CA SER B 368 -3.49 4.61 -4.67
C SER B 368 -2.86 3.34 -4.10
N THR B 369 -1.71 3.44 -3.47
CA THR B 369 -0.97 2.29 -2.97
C THR B 369 -1.33 2.05 -1.52
N ALA B 370 -1.71 0.81 -1.20
CA ALA B 370 -1.89 0.43 0.19
C ALA B 370 -0.56 0.48 0.92
N PHE B 371 -0.61 0.90 2.18
CA PHE B 371 0.61 1.12 2.96
C PHE B 371 1.10 -0.19 3.57
N SER B 372 2.39 -0.45 3.41
CA SER B 372 3.07 -1.56 4.07
C SER B 372 4.49 -1.13 4.35
N GLU B 373 4.98 -1.43 5.56
CA GLU B 373 6.35 -1.10 5.92
C GLU B 373 7.36 -1.82 5.03
N SER B 374 7.02 -3.01 4.54
CA SER B 374 7.81 -3.70 3.54
C SER B 374 7.26 -3.57 2.14
N GLY B 375 6.42 -2.55 1.90
CA GLY B 375 5.72 -2.42 0.64
C GLY B 375 6.60 -2.30 -0.58
N LEU B 376 7.72 -1.59 -0.47
CA LEU B 376 8.61 -1.41 -1.61
C LEU B 376 9.19 -2.71 -2.12
N LYS B 377 9.38 -3.71 -1.26
CA LYS B 377 9.93 -5.00 -1.68
C LYS B 377 8.87 -6.02 -2.05
N GLN B 378 7.60 -5.77 -1.73
CA GLN B 378 6.53 -6.70 -2.05
C GLN B 378 5.81 -6.37 -3.35
N MET B 379 6.24 -5.33 -4.06
CA MET B 379 5.61 -4.93 -5.31
C MET B 379 6.64 -4.98 -6.43
N SER B 380 6.15 -5.31 -7.63
CA SER B 380 7.01 -5.48 -8.80
C SER B 380 7.65 -4.17 -9.21
N ASP B 381 8.66 -4.24 -10.08
CA ASP B 381 9.36 -3.05 -10.54
C ASP B 381 8.86 -2.55 -11.90
N ILE B 382 7.84 -3.17 -12.47
CA ILE B 382 7.22 -2.69 -13.70
C ILE B 382 5.91 -2.01 -13.33
N ASN B 383 5.89 -0.68 -13.41
CA ASN B 383 4.75 0.11 -12.95
C ASN B 383 4.34 -0.36 -11.57
N PRO B 384 5.17 -0.13 -10.55
CA PRO B 384 4.90 -0.73 -9.23
C PRO B 384 3.57 -0.30 -8.65
N GLU B 385 2.91 -1.24 -7.98
CA GLU B 385 1.61 -0.98 -7.36
C GLU B 385 1.30 -2.02 -6.29
N LEU B 386 0.89 -1.56 -5.12
CA LEU B 386 0.44 -2.44 -4.04
C LEU B 386 -1.02 -2.09 -3.77
N GLU B 387 -1.93 -2.70 -4.53
CA GLU B 387 -3.35 -2.42 -4.44
C GLU B 387 -4.03 -3.39 -3.48
N TYR B 388 -4.85 -2.85 -2.59
CA TYR B 388 -5.62 -3.65 -1.63
C TYR B 388 -6.98 -2.98 -1.45
N LYS B 389 -7.99 -3.53 -2.11
CA LYS B 389 -9.36 -3.08 -1.91
C LYS B 389 -9.87 -3.71 -0.62
N ALA B 390 -9.78 -2.95 0.48
CA ALA B 390 -10.07 -3.48 1.80
C ALA B 390 -11.54 -3.86 1.93
N ALA B 391 -11.80 -4.87 2.74
CA ALA B 391 -13.15 -5.33 3.02
C ALA B 391 -13.73 -4.51 4.17
N LEU B 392 -15.06 -4.39 4.18
CA LEU B 392 -15.73 -3.61 5.21
C LEU B 392 -15.51 -4.17 6.61
N THR B 393 -15.24 -5.47 6.73
CA THR B 393 -15.00 -6.09 8.02
C THR B 393 -13.52 -6.32 8.31
N ASP B 394 -12.63 -5.79 7.48
CA ASP B 394 -11.20 -5.93 7.70
C ASP B 394 -10.77 -5.11 8.92
N PRO B 395 -9.66 -5.44 9.56
CA PRO B 395 -9.14 -4.59 10.62
C PRO B 395 -8.83 -3.19 10.10
N TYR B 396 -9.03 -2.20 10.96
CA TYR B 396 -8.83 -0.81 10.57
C TYR B 396 -7.38 -0.54 10.20
N ILE B 397 -6.44 -1.35 10.70
CA ILE B 397 -5.04 -1.20 10.35
C ILE B 397 -4.76 -1.58 8.90
N LEU B 398 -5.63 -2.37 8.28
CA LEU B 398 -5.46 -2.80 6.90
C LEU B 398 -5.95 -1.76 5.90
N LYS B 399 -6.51 -0.65 6.39
CA LYS B 399 -7.09 0.37 5.53
C LYS B 399 -6.20 1.61 5.44
N GLN B 400 -4.89 1.42 5.53
CA GLN B 400 -3.93 2.51 5.42
C GLN B 400 -3.44 2.61 3.99
N LYS B 401 -3.48 3.82 3.44
CA LYS B 401 -2.98 4.10 2.11
C LYS B 401 -1.86 5.11 2.20
N VAL B 402 -0.89 4.97 1.29
CA VAL B 402 0.31 5.80 1.34
C VAL B 402 -0.05 7.24 0.97
N VAL B 403 0.36 8.17 1.83
CA VAL B 403 0.19 9.60 1.56
C VAL B 403 1.56 10.18 1.32
N ARG B 404 2.00 10.19 0.07
CA ARG B 404 3.36 10.60 -0.23
C ARG B 404 3.41 12.11 -0.46
N GLY B 405 4.56 12.70 -0.15
CA GLY B 405 4.77 14.12 -0.28
C GLY B 405 4.69 14.84 1.05
N GLY B 406 5.11 16.10 1.04
CA GLY B 406 5.07 16.89 2.25
C GLY B 406 3.94 17.89 2.23
N SER B 407 3.51 18.32 3.42
CA SER B 407 2.43 19.33 3.52
C SER B 407 3.00 20.67 4.00
N TRP B 408 2.13 21.60 4.40
CA TRP B 408 2.56 22.94 4.88
C TRP B 408 3.17 22.84 6.27
N LYS B 409 3.16 21.63 6.84
CA LYS B 409 3.67 21.41 8.22
C LYS B 409 4.72 20.28 8.20
N ASP B 410 4.76 19.52 7.11
CA ASP B 410 5.81 18.48 7.06
C ASP B 410 7.15 19.18 7.20
N VAL B 411 8.01 18.72 8.12
CA VAL B 411 9.38 19.29 8.19
C VAL B 411 10.16 18.83 6.96
N ALA B 412 11.35 19.39 6.73
CA ALA B 412 12.18 19.04 5.55
C ALA B 412 12.10 17.54 5.22
N ARG B 413 12.10 16.68 6.24
CA ARG B 413 12.11 15.22 5.99
C ARG B 413 10.84 14.77 5.28
N PHE B 414 9.68 15.07 5.85
CA PHE B 414 8.41 14.54 5.28
C PHE B 414 8.13 15.17 3.92
N ILE B 415 8.83 16.26 3.57
CA ILE B 415 8.64 16.85 2.21
C ILE B 415 9.57 16.14 1.22
N ARG B 416 10.67 15.53 1.70
CA ARG B 416 11.49 14.75 0.77
C ARG B 416 10.60 13.81 -0.02
N SER B 417 10.88 13.69 -1.32
CA SER B 417 10.02 12.88 -2.18
C SER B 417 10.17 11.39 -1.93
N ALA B 418 11.15 10.96 -1.15
CA ALA B 418 11.40 9.55 -0.91
C ALA B 418 10.97 9.08 0.47
N THR B 419 10.30 9.93 1.25
CA THR B 419 9.87 9.59 2.60
C THR B 419 8.40 9.19 2.58
N ARG B 420 8.13 7.95 2.97
CA ARG B 420 6.78 7.41 2.94
C ARG B 420 5.99 7.90 4.15
N SER B 421 4.80 8.41 3.88
CA SER B 421 3.83 8.74 4.92
C SER B 421 2.51 8.08 4.56
N HIS B 422 1.71 7.79 5.58
CA HIS B 422 0.49 7.03 5.38
C HIS B 422 -0.64 7.70 6.17
N GLU B 423 -1.87 7.30 5.88
CA GLU B 423 -3.04 7.72 6.63
C GLU B 423 -4.16 6.78 6.24
N TYR B 424 -5.16 6.68 7.10
CA TYR B 424 -6.27 5.75 6.88
C TYR B 424 -7.15 6.24 5.75
N GLN B 425 -7.65 5.29 4.95
CA GLN B 425 -8.50 5.60 3.82
C GLN B 425 -9.80 6.27 4.23
N ASN B 426 -10.25 6.06 5.46
CA ASN B 426 -11.52 6.58 5.93
C ASN B 426 -11.45 8.06 6.28
N VAL B 427 -10.33 8.53 6.81
CA VAL B 427 -10.21 9.87 7.35
C VAL B 427 -9.64 10.81 6.30
N GLY B 428 -9.96 12.09 6.43
CA GLY B 428 -9.40 13.12 5.59
C GLY B 428 -8.83 14.26 6.42
N ARG B 429 -7.55 14.55 6.24
CA ARG B 429 -6.85 15.54 7.05
C ARG B 429 -6.86 16.91 6.37
N SER B 430 -6.58 17.93 7.17
CA SER B 430 -6.47 19.31 6.69
C SER B 430 -5.16 19.58 5.97
N TYR B 431 -4.27 18.59 5.93
CA TYR B 431 -3.00 18.77 5.24
C TYR B 431 -2.79 17.72 4.16
N ILE B 432 -3.85 17.07 3.70
CA ILE B 432 -3.74 16.01 2.69
C ILE B 432 -4.69 16.35 1.55
N GLY B 433 -4.15 16.48 0.35
CA GLY B 433 -4.92 16.62 -0.87
C GLY B 433 -4.71 15.39 -1.74
N PHE B 434 -4.88 15.58 -3.04
CA PHE B 434 -4.64 14.51 -3.99
C PHE B 434 -4.47 15.12 -5.37
N ARG B 435 -4.17 14.25 -6.34
CA ARG B 435 -3.81 14.70 -7.68
C ARG B 435 -4.16 13.57 -8.65
N CYS B 436 -5.32 13.66 -9.31
CA CYS B 436 -5.72 12.57 -10.20
C CYS B 436 -4.74 12.45 -11.36
N VAL B 437 -4.55 11.20 -11.79
CA VAL B 437 -3.56 10.84 -12.80
C VAL B 437 -4.21 9.86 -13.77
N ARG B 438 -3.73 9.85 -15.01
CA ARG B 438 -4.19 8.87 -15.98
C ARG B 438 -3.02 8.41 -16.84
N THR B 439 -3.06 7.14 -17.25
CA THR B 439 -1.97 6.60 -18.06
C THR B 439 -1.96 7.25 -19.43
N SER B 440 -0.77 7.57 -19.91
CA SER B 440 -0.59 8.29 -21.17
C SER B 440 -0.78 7.33 -22.34
N ILE B 441 -1.50 7.78 -23.36
CA ILE B 441 -1.65 7.00 -24.58
C ILE B 441 -0.50 7.43 -25.47
N ALA B 442 0.66 6.81 -25.30
CA ALA B 442 1.92 7.33 -25.84
C ALA B 442 2.64 6.25 -26.63
N PHE B 443 3.07 6.58 -27.84
CA PHE B 443 3.93 5.75 -28.66
C PHE B 443 5.10 6.63 -29.11
N SER B 444 6.12 6.70 -28.28
CA SER B 444 7.26 7.59 -28.50
C SER B 444 8.51 6.78 -28.79
N SER B 445 9.55 7.49 -29.22
CA SER B 445 10.85 6.89 -29.49
C SER B 445 11.58 6.64 -28.17
N GLY B 446 12.84 6.25 -28.25
CA GLY B 446 13.62 5.91 -27.07
C GLY B 446 14.77 6.89 -26.87
N LYS B 447 14.79 7.53 -25.69
CA LYS B 447 15.83 8.46 -25.26
C LYS B 447 16.40 9.33 -26.38
C1 MAN C . -24.21 -4.22 -4.95
C2 MAN C . -25.02 -3.60 -6.09
C3 MAN C . -26.38 -3.25 -5.58
C4 MAN C . -27.06 -4.48 -4.98
C5 MAN C . -26.14 -5.24 -4.04
C6 MAN C . -26.66 -6.60 -3.68
O2 MAN C . -25.15 -4.52 -7.17
O3 MAN C . -27.16 -2.74 -6.65
O4 MAN C . -28.18 -4.05 -4.23
O5 MAN C . -24.87 -5.44 -4.68
O6 MAN C . -26.57 -7.48 -4.80
C1 GCU C . -24.09 -4.66 -8.07
C2 GCU C . -24.69 -4.50 -9.44
C3 GCU C . -25.73 -5.57 -9.74
C4 GCU C . -25.17 -6.95 -9.43
C5 GCU C . -24.60 -6.93 -8.01
C6 GCU C . -24.00 -8.27 -7.65
O2 GCU C . -25.24 -3.19 -9.59
O3 GCU C . -26.11 -5.48 -11.11
O4 GCU C . -26.19 -7.94 -9.53
O5 GCU C . -23.56 -5.97 -7.93
O6A GCU C . -23.45 -8.91 -8.50
O6B GCU C . -24.06 -8.67 -6.52
C2 BGC C . -26.42 -10.15 -10.46
C3 BGC C . -26.50 -10.93 -11.77
C4 BGC C . -27.54 -10.31 -12.69
C5 BGC C . -27.28 -8.82 -12.85
C6 BGC C . -28.35 -8.13 -13.67
C1 BGC C . -26.25 -8.68 -10.71
O2 BGC C . -25.38 -10.64 -9.63
O3 BGC C . -26.83 -12.28 -11.49
O4 BGC C . -27.57 -10.96 -14.00
O5 BGC C . -27.28 -8.19 -11.57
O6 BGC C . -29.58 -8.09 -12.94
C1 FUL C . -28.46 -11.94 -14.49
C2 FUL C . -29.89 -11.45 -14.28
O2 FUL C . -30.44 -11.07 -15.56
C3 FUL C . -30.75 -12.50 -13.69
O3 FUL C . -30.47 -12.58 -12.25
C4 FUL C . -30.50 -13.85 -14.31
O4 FUL C . -31.41 -14.81 -13.76
C5 FUL C . -29.05 -14.30 -14.09
C6 FUL C . -28.99 -15.36 -13.04
O5 FUL C . -28.19 -13.18 -13.70
C1 NGA C . -32.20 -15.51 -14.77
C2 NGA C . -32.25 -14.74 -16.09
C3 NGA C . -32.05 -15.66 -17.28
C4 NGA C . -32.91 -16.91 -17.08
C5 NGA C . -32.46 -17.63 -15.81
C6 NGA C . -31.72 -18.92 -16.13
C7 NGA C . -33.64 -12.75 -15.99
C8 NGA C . -34.33 -12.34 -14.72
N2 NGA C . -33.53 -14.05 -16.20
O3 NGA C . -30.70 -16.05 -17.41
O4 NGA C . -32.76 -17.76 -18.19
O5 NGA C . -31.62 -16.79 -15.03
O6 NGA C . -30.60 -18.63 -16.92
O7 NGA C . -33.22 -11.90 -16.77
C1 NGA C . -29.87 -14.90 -17.71
C2 NGA C . -28.51 -15.41 -18.18
C3 NGA C . -27.93 -14.50 -19.25
C4 NGA C . -28.27 -13.05 -18.95
C5 NGA C . -29.78 -12.86 -18.91
C6 NGA C . -30.28 -12.17 -20.16
C7 NGA C . -26.84 -16.55 -16.83
C8 NGA C . -27.21 -17.42 -15.66
N2 NGA C . -27.59 -15.48 -17.05
O3 NGA C . -28.46 -14.86 -20.51
O4 NGA C . -27.70 -12.22 -19.93
O5 NGA C . -30.43 -14.11 -18.74
O6 NGA C . -29.72 -10.88 -20.24
O7 NGA C . -25.89 -16.87 -17.55
C1 RAM C . -29.44 -4.54 -4.55
C2 RAM C . -30.24 -4.36 -3.29
C3 RAM C . -31.60 -3.79 -3.60
C4 RAM C . -31.48 -2.42 -4.22
C5 RAM C . -30.28 -2.39 -5.16
C6 RAM C . -30.53 -1.57 -6.40
O2 RAM C . -30.35 -5.60 -2.61
O3 RAM C . -32.29 -4.67 -4.49
O4 RAM C . -31.30 -1.44 -3.20
O5 RAM C . -29.99 -3.74 -5.60
C1 MAN D . -26.63 12.25 -9.96
C2 MAN D . -27.57 11.08 -10.20
C3 MAN D . -28.11 10.67 -8.84
C4 MAN D . -26.98 10.28 -7.87
C5 MAN D . -25.88 11.39 -7.84
C6 MAN D . -24.62 10.90 -7.19
O2 MAN D . -26.84 9.96 -10.76
O3 MAN D . -29.10 9.64 -8.90
O4 MAN D . -27.50 10.15 -6.55
O5 MAN D . -25.55 11.80 -9.18
O6 MAN D . -24.12 9.81 -7.97
C1 GCU D . -27.70 9.04 -11.49
C2 GCU D . -26.94 7.72 -11.69
C3 GCU D . -25.80 7.89 -12.69
C4 GCU D . -26.28 8.54 -13.98
C5 GCU D . -27.03 9.82 -13.64
C6 GCU D . -27.62 10.48 -14.88
O2 GCU D . -26.42 7.26 -10.47
O3 GCU D . -25.25 6.63 -12.98
O4 GCU D . -25.16 8.82 -14.80
O5 GCU D . -28.09 9.54 -12.75
O6A GCU D . -27.33 11.67 -15.11
O6B GCU D . -28.37 9.80 -15.60
C2 BGC D . -24.24 8.81 -17.01
C3 BGC D . -24.41 8.33 -18.44
C4 BGC D . -24.64 6.82 -18.47
C5 BGC D . -25.78 6.43 -17.53
C6 BGC D . -25.99 4.95 -17.41
C1 BGC D . -25.40 8.35 -16.14
O2 BGC D . -24.17 10.24 -16.99
O3 BGC D . -23.25 8.66 -19.21
O4 BGC D . -24.97 6.41 -19.80
O5 BGC D . -25.51 6.92 -16.21
O6 BGC D . -25.94 4.52 -16.06
C1 FUL D . -23.93 5.55 -20.32
C2 FUL D . -23.33 6.15 -21.57
O2 FUL D . -22.19 5.36 -21.95
C3 FUL D . -24.26 6.20 -22.72
O3 FUL D . -24.83 7.53 -22.81
C4 FUL D . -25.42 5.20 -22.76
O4 FUL D . -26.64 5.96 -22.81
C5 FUL D . -25.48 4.13 -21.64
C6 FUL D . -26.81 4.16 -20.93
O5 FUL D . -24.42 4.17 -20.61
C1 NGA D . -27.43 5.65 -23.99
C2 NGA D . -26.70 6.09 -25.27
C3 NGA D . -26.56 4.94 -26.25
C4 NGA D . -27.88 4.21 -26.46
C5 NGA D . -28.56 3.95 -25.13
C6 NGA D . -29.03 2.51 -24.99
C7 NGA D . -28.50 7.76 -25.46
C8 NGA D . -29.77 7.36 -26.14
N2 NGA D . -27.38 7.22 -25.91
O3 NGA D . -25.59 4.03 -25.79
O4 NGA D . -27.64 2.98 -27.11
O5 NGA D . -27.67 4.26 -24.07
O6 NGA D . -29.63 2.34 -23.73
O7 NGA D . -28.54 8.57 -24.52
C1 NGA D . -24.47 4.02 -26.69
C2 NGA D . -23.33 4.80 -26.05
C3 NGA D . -22.18 3.87 -25.67
C4 NGA D . -21.69 3.09 -26.87
C5 NGA D . -22.86 2.62 -27.72
C6 NGA D . -22.66 1.19 -28.21
C7 NGA D . -22.98 7.13 -26.69
C8 NGA D . -21.71 7.91 -26.56
N2 NGA D . -22.85 5.83 -26.96
O3 NGA D . -22.63 2.98 -24.67
O4 NGA D . -20.95 1.98 -26.43
O5 NGA D . -24.05 2.69 -26.95
O6 NGA D . -23.74 0.82 -29.04
O7 NGA D . -24.07 7.68 -26.55
C1 RAM D . -27.68 8.75 -6.23
C2 RAM D . -27.49 8.56 -4.73
C3 RAM D . -28.58 9.20 -3.96
C4 RAM D . -29.95 8.77 -4.40
C5 RAM D . -30.12 8.89 -5.93
C6 RAM D . -31.41 8.24 -6.31
O2 RAM D . -27.48 7.15 -4.46
O3 RAM D . -28.43 8.83 -2.55
O4 RAM D . -30.92 9.60 -3.78
O5 RAM D . -29.02 8.24 -6.67
C1 MAN E . 23.34 7.30 14.06
C2 MAN E . 23.35 8.36 15.15
C3 MAN E . 23.53 9.73 14.52
C4 MAN E . 24.76 9.74 13.59
C5 MAN E . 24.66 8.60 12.56
C6 MAN E . 25.88 8.47 11.66
O2 MAN E . 24.46 8.18 16.02
O3 MAN E . 23.66 10.75 15.49
O4 MAN E . 24.85 10.99 12.91
O5 MAN E . 24.49 7.36 13.27
O6 MAN E . 25.91 9.59 10.78
C1 GCU E . 24.23 7.10 16.94
C2 GCU E . 24.89 7.44 18.26
C3 GCU E . 26.39 7.59 18.08
C4 GCU E . 26.98 6.40 17.32
C5 GCU E . 26.14 6.08 16.10
C6 GCU E . 26.63 4.81 15.39
O2 GCU E . 24.35 8.65 18.76
O3 GCU E . 27.01 7.69 19.35
O4 GCU E . 28.30 6.72 16.93
O5 GCU E . 24.80 5.89 16.48
O6A GCU E . 25.96 3.76 15.52
O6B GCU E . 27.67 4.89 14.69
C2 BGC E . 30.01 6.33 18.58
C3 BGC E . 30.97 5.30 19.17
C4 BGC E . 30.23 4.01 19.52
C5 BGC E . 29.44 3.51 18.32
C6 BGC E . 28.58 2.31 18.65
C1 BGC E . 29.22 5.72 17.42
O2 BGC E . 30.73 7.46 18.13
O3 BGC E . 31.61 5.83 20.33
O4 BGC E . 31.17 3.01 19.91
O5 BGC E . 28.54 4.54 17.87
O6 BGC E . 29.37 1.18 18.99
C1 RAM E . 26.05 11.67 13.33
C2 RAM E . 26.54 12.54 12.19
C3 RAM E . 26.71 13.96 12.58
C4 RAM E . 25.47 14.51 13.21
C5 RAM E . 24.98 13.65 14.38
C6 RAM E . 24.97 14.48 15.63
O2 RAM E . 27.81 12.03 11.73
O3 RAM E . 27.80 14.04 13.54
O4 RAM E . 24.43 14.57 12.22
O5 RAM E . 25.83 12.47 14.59
C1 BMA F . 34.35 4.52 -17.56
C2 BMA F . 35.15 5.55 -16.75
C3 BMA F . 36.42 4.93 -16.21
C4 BMA F . 36.42 3.43 -16.47
C5 BMA F . 36.29 3.15 -17.97
C6 BMA F . 35.96 1.71 -18.27
O2 BMA F . 34.34 6.10 -15.72
O3 BMA F . 36.55 5.18 -14.81
O4 BMA F . 37.62 2.85 -15.99
O5 BMA F . 35.23 3.96 -18.53
O6 BMA F . 34.77 1.28 -17.61
C1 BMA G . 40.21 -20.30 7.11
C2 BMA G . 40.36 -21.60 6.31
C3 BMA G . 41.81 -22.11 6.37
C4 BMA G . 42.80 -20.98 6.05
C5 BMA G . 42.54 -19.78 6.97
C6 BMA G . 43.46 -18.60 6.70
O2 BMA G . 40.06 -21.40 4.94
O3 BMA G . 42.02 -23.21 5.49
O4 BMA G . 44.14 -21.43 6.24
O5 BMA G . 41.18 -19.34 6.75
O6 BMA G . 44.80 -19.08 6.69
CA CA H . 4.61 26.89 5.25
#